data_7VVW
#
_entry.id   7VVW
#
_cell.length_a   62.017
_cell.length_b   129.308
_cell.length_c   134.248
_cell.angle_alpha   90.000
_cell.angle_beta   90.000
_cell.angle_gamma   90.000
#
_symmetry.space_group_name_H-M   'P 21 21 21'
#
loop_
_entity.id
_entity.type
_entity.pdbx_description
1 polymer 'SAM-dependent methyltransferase'
2 non-polymer S-ADENOSYLMETHIONINE
3 non-polymer GLYCEROL
4 non-polymer 'PHOSPHATE ION'
5 water water
#
_entity_poly.entity_id   1
_entity_poly.type   'polypeptide(L)'
_entity_poly.pdbx_seq_one_letter_code
;MGDSEEPVVTPHAPEFAFDPTDPWTETFQRGLEIAGLGGKRVYEVGIGTGINVAFMLQICEAALVSGSDLDPRLAGLAER
NVRDLAPRRADRFHPVEGAVSLIDTPEARAQVGRSDVIVGCLPQVGEPDDVRLRAFRTAQAAALAAGADTRDEDHIAHYY
PWAEFDSYPFNSVGLGLNEALLRRTRATAPAADVVLNFGARVGSAVLFELFEANGYVPEKLHSQIVLQHAGTDISFFVAL
ENALAQTGLEREFTCEFYGDPEGATRLSATEAQALVDTDSAAEIYHEVCVIRGRPALSENDPSDS
;
_entity_poly.pdbx_strand_id   A,B,C
#
# COMPACT_ATOMS: atom_id res chain seq x y z
N ALA A 13 22.24 33.03 -0.98
CA ALA A 13 21.09 33.45 -1.78
C ALA A 13 20.43 34.69 -1.25
N PRO A 14 19.99 35.58 -2.11
CA PRO A 14 19.38 36.79 -1.60
C PRO A 14 17.90 36.72 -1.49
N GLU A 15 17.43 37.41 -0.49
CA GLU A 15 16.08 37.52 -0.12
C GLU A 15 15.15 37.93 -1.17
N PHE A 16 15.60 38.71 -2.12
CA PHE A 16 14.72 39.17 -3.14
C PHE A 16 14.23 38.09 -4.00
N ALA A 17 14.98 37.05 -4.17
CA ALA A 17 14.53 36.07 -5.07
C ALA A 17 13.37 35.17 -4.68
N PHE A 18 13.09 35.04 -3.38
CA PHE A 18 11.99 34.21 -2.92
C PHE A 18 10.65 34.93 -3.07
N ASP A 19 9.68 34.28 -3.70
CA ASP A 19 8.36 34.85 -3.91
C ASP A 19 7.84 35.71 -2.80
N PRO A 20 7.64 36.96 -3.02
CA PRO A 20 7.19 37.74 -1.91
C PRO A 20 5.68 37.85 -1.72
N THR A 21 4.89 37.26 -2.58
CA THR A 21 3.48 37.33 -2.44
C THR A 21 2.81 36.08 -1.94
N ASP A 22 3.43 34.93 -2.07
CA ASP A 22 2.84 33.70 -1.67
C ASP A 22 3.72 32.95 -0.72
N PRO A 23 3.34 32.86 0.50
CA PRO A 23 4.21 32.20 1.51
C PRO A 23 4.47 30.73 1.20
N TRP A 24 3.53 30.01 0.57
CA TRP A 24 3.76 28.61 0.23
C TRP A 24 4.90 28.47 -0.77
N THR A 25 4.86 29.30 -1.81
CA THR A 25 5.90 29.28 -2.83
C THR A 25 7.22 29.71 -2.22
N GLU A 26 7.16 30.68 -1.31
CA GLU A 26 8.35 31.18 -0.63
C GLU A 26 8.97 30.06 0.18
N THR A 27 8.13 29.34 0.93
CA THR A 27 8.59 28.23 1.75
C THR A 27 9.25 27.19 0.86
N PHE A 28 8.64 26.95 -0.30
CA PHE A 28 9.13 25.98 -1.26
C PHE A 28 10.43 26.42 -1.91
N GLN A 29 10.57 27.72 -2.19
CA GLN A 29 11.79 28.20 -2.83
C GLN A 29 12.93 28.28 -1.82
N ARG A 30 12.66 28.68 -0.58
CA ARG A 30 13.73 28.68 0.41
C ARG A 30 14.21 27.25 0.71
N GLY A 31 13.33 26.26 0.60
CA GLY A 31 13.74 24.89 0.78
C GLY A 31 14.51 24.37 -0.42
N LEU A 32 14.09 24.73 -1.64
CA LEU A 32 14.85 24.32 -2.82
C LEU A 32 16.27 24.87 -2.79
N GLU A 33 16.45 26.10 -2.28
CA GLU A 33 17.80 26.64 -2.12
C GLU A 33 18.59 25.80 -1.13
N ILE A 34 18.00 25.52 0.03
CA ILE A 34 18.64 24.69 1.06
C ILE A 34 18.90 23.27 0.54
N ALA A 35 18.09 22.80 -0.41
CA ALA A 35 18.27 21.46 -0.96
C ALA A 35 19.62 21.30 -1.65
N GLY A 36 20.18 22.38 -2.19
CA GLY A 36 21.44 22.30 -2.89
C GLY A 36 21.50 21.76 -4.31
N LEU A 37 20.56 22.19 -5.15
CA LEU A 37 20.48 21.75 -6.53
C LEU A 37 21.60 22.09 -7.51
N GLY A 38 22.64 22.80 -7.05
CA GLY A 38 23.69 23.25 -7.94
C GLY A 38 24.36 22.14 -8.72
N GLY A 39 24.38 22.25 -10.05
CA GLY A 39 24.98 21.22 -10.88
C GLY A 39 24.16 19.95 -11.06
N LYS A 40 22.96 19.86 -10.52
CA LYS A 40 22.11 18.68 -10.65
C LYS A 40 21.07 18.78 -11.70
N ARG A 41 20.54 17.65 -12.09
CA ARG A 41 19.45 17.52 -13.03
C ARG A 41 18.20 17.36 -12.24
N VAL A 42 17.31 18.29 -12.35
CA VAL A 42 16.11 18.36 -11.62
C VAL A 42 14.85 18.22 -12.43
N TYR A 43 13.83 17.64 -11.87
CA TYR A 43 12.56 17.47 -12.56
C TYR A 43 11.46 18.06 -11.67
N GLU A 44 10.71 19.02 -12.20
CA GLU A 44 9.60 19.59 -11.44
C GLU A 44 8.27 19.01 -11.94
N VAL A 45 7.56 18.30 -11.05
CA VAL A 45 6.20 17.89 -11.34
C VAL A 45 5.27 19.08 -11.11
N GLY A 46 4.60 19.53 -12.17
CA GLY A 46 3.69 20.66 -12.11
C GLY A 46 4.35 22.01 -12.31
N ILE A 47 5.09 22.18 -13.42
CA ILE A 47 5.87 23.41 -13.64
C ILE A 47 5.01 24.66 -13.68
N GLY A 48 3.73 24.56 -14.09
CA GLY A 48 2.91 25.75 -14.15
C GLY A 48 3.46 26.72 -15.18
N THR A 49 3.58 27.99 -14.81
CA THR A 49 4.13 28.98 -15.74
C THR A 49 5.63 29.17 -15.55
N GLY A 50 6.29 28.25 -14.86
CA GLY A 50 7.74 28.13 -14.92
C GLY A 50 8.52 29.00 -13.97
N ILE A 51 7.84 29.72 -13.07
CA ILE A 51 8.55 30.63 -12.18
C ILE A 51 9.54 29.88 -11.31
N ASN A 52 9.14 28.72 -10.77
CA ASN A 52 10.04 27.92 -9.96
C ASN A 52 11.23 27.40 -10.77
N VAL A 53 11.00 27.07 -12.05
CA VAL A 53 12.10 26.66 -12.93
C VAL A 53 13.11 27.81 -13.07
N ALA A 54 12.60 29.02 -13.38
CA ALA A 54 13.48 30.18 -13.44
C ALA A 54 14.25 30.32 -12.13
N PHE A 55 13.56 30.09 -11.00
CA PHE A 55 14.22 30.26 -9.71
C PHE A 55 15.32 29.22 -9.53
N MET A 56 15.01 27.96 -9.82
CA MET A 56 16.00 26.89 -9.64
C MET A 56 17.19 27.08 -10.57
N LEU A 57 16.93 27.56 -11.79
CA LEU A 57 17.99 27.74 -12.76
C LEU A 57 18.85 28.94 -12.42
N GLN A 58 18.22 30.05 -12.06
CA GLN A 58 18.96 31.30 -11.92
C GLN A 58 19.59 31.41 -10.55
N ILE A 59 18.89 30.96 -9.52
CA ILE A 59 19.31 31.14 -8.15
C ILE A 59 19.98 29.88 -7.59
N CYS A 60 19.36 28.71 -7.78
CA CYS A 60 19.90 27.45 -7.27
C CYS A 60 21.00 26.86 -8.15
N GLU A 61 21.25 27.42 -9.28
CA GLU A 61 22.26 26.93 -10.15
C GLU A 61 22.14 25.50 -10.58
N ALA A 62 20.95 25.03 -10.86
CA ALA A 62 20.75 23.69 -11.39
C ALA A 62 21.40 23.56 -12.75
N ALA A 63 22.00 22.40 -13.01
CA ALA A 63 22.61 22.18 -14.32
C ALA A 63 21.56 22.04 -15.41
N LEU A 64 20.45 21.37 -15.10
CA LEU A 64 19.43 21.07 -16.08
C LEU A 64 18.12 20.95 -15.32
N VAL A 65 17.08 21.59 -15.85
CA VAL A 65 15.76 21.48 -15.26
C VAL A 65 14.84 20.97 -16.34
N SER A 66 14.08 19.93 -16.02
CA SER A 66 13.00 19.47 -16.85
C SER A 66 11.74 19.46 -15.98
N GLY A 67 10.63 19.05 -16.55
CA GLY A 67 9.39 19.11 -15.81
C GLY A 67 8.21 19.01 -16.74
N SER A 68 7.04 18.89 -16.13
CA SER A 68 5.82 18.72 -16.91
C SER A 68 4.66 19.28 -16.13
N ASP A 69 3.48 19.26 -16.73
CA ASP A 69 2.29 19.71 -16.05
C ASP A 69 1.09 18.99 -16.63
N LEU A 70 0.03 18.94 -15.88
CA LEU A 70 -1.17 18.32 -16.31
C LEU A 70 -1.77 19.03 -17.48
N ASP A 71 -1.80 20.33 -17.46
CA ASP A 71 -2.29 21.14 -18.56
C ASP A 71 -1.24 21.23 -19.68
N PRO A 72 -1.46 20.79 -20.88
CA PRO A 72 -0.41 20.82 -21.87
C PRO A 72 -0.01 22.12 -22.49
N ARG A 73 -0.65 23.19 -22.12
CA ARG A 73 -0.31 24.45 -22.67
C ARG A 73 0.79 25.06 -21.88
N LEU A 74 0.89 24.72 -20.61
CA LEU A 74 1.87 25.32 -19.74
C LEU A 74 3.31 25.16 -20.11
N ALA A 75 3.68 24.08 -20.71
CA ALA A 75 5.04 23.94 -21.08
C ALA A 75 5.47 25.03 -21.98
N GLY A 76 4.61 25.44 -22.87
CA GLY A 76 4.92 26.48 -23.80
C GLY A 76 5.14 27.77 -23.13
N LEU A 77 4.34 28.02 -22.15
CA LEU A 77 4.41 29.22 -21.44
C LEU A 77 5.47 29.25 -20.37
N ALA A 78 5.86 28.11 -19.88
CA ALA A 78 6.89 28.06 -18.91
C ALA A 78 8.14 28.47 -19.62
N GLU A 79 8.35 27.93 -20.82
CA GLU A 79 9.54 28.26 -21.60
C GLU A 79 9.66 29.76 -21.83
N ARG A 80 8.53 30.39 -22.13
CA ARG A 80 8.48 31.75 -22.37
C ARG A 80 8.84 32.59 -21.15
N ASN A 81 8.43 32.19 -20.00
CA ASN A 81 8.75 32.89 -18.79
C ASN A 81 10.16 32.66 -18.39
N VAL A 82 10.71 31.53 -18.70
CA VAL A 82 12.06 31.25 -18.36
C VAL A 82 13.03 32.05 -19.23
N ARG A 83 12.68 32.21 -20.48
CA ARG A 83 13.46 32.98 -21.36
C ARG A 83 13.41 34.40 -20.93
N ASP A 84 12.35 34.85 -20.30
CA ASP A 84 12.23 36.20 -19.87
C ASP A 84 12.78 36.46 -18.56
N LEU A 85 12.77 35.51 -17.69
CA LEU A 85 13.21 35.73 -16.32
C LEU A 85 14.61 35.19 -16.05
N ALA A 86 15.09 34.27 -16.87
CA ALA A 86 16.43 33.69 -16.69
C ALA A 86 17.05 33.48 -18.06
N PRO A 87 17.17 34.54 -18.87
CA PRO A 87 17.63 34.38 -20.26
C PRO A 87 19.00 33.75 -20.38
N ARG A 88 19.91 34.05 -19.46
CA ARG A 88 21.23 33.43 -19.49
C ARG A 88 21.22 31.97 -19.07
N ARG A 89 20.14 31.46 -18.47
CA ARG A 89 20.09 30.05 -18.11
C ARG A 89 19.04 29.29 -18.87
N ALA A 90 18.26 29.95 -19.65
CA ALA A 90 17.20 29.34 -20.33
C ALA A 90 17.48 28.13 -21.16
N ASP A 91 18.68 28.02 -21.66
CA ASP A 91 19.04 26.91 -22.47
C ASP A 91 19.15 25.63 -21.70
N ARG A 92 19.05 25.68 -20.40
CA ARG A 92 19.10 24.51 -19.61
C ARG A 92 17.76 23.96 -19.20
N PHE A 93 16.69 24.56 -19.67
CA PHE A 93 15.32 24.16 -19.37
C PHE A 93 14.80 23.34 -20.53
N HIS A 94 14.45 22.08 -20.28
CA HIS A 94 13.97 21.17 -21.32
C HIS A 94 12.66 20.53 -20.86
N PRO A 95 11.54 21.25 -20.97
CA PRO A 95 10.26 20.70 -20.48
C PRO A 95 9.85 19.46 -21.26
N VAL A 96 9.04 18.63 -20.66
CA VAL A 96 8.45 17.52 -21.31
C VAL A 96 7.12 18.00 -21.75
N GLU A 97 6.82 17.83 -23.00
CA GLU A 97 5.56 18.28 -23.56
C GLU A 97 4.41 17.32 -23.41
N GLY A 98 3.21 17.87 -23.37
CA GLY A 98 2.00 17.12 -23.25
C GLY A 98 1.23 17.24 -21.98
N ALA A 99 0.08 16.65 -21.95
CA ALA A 99 -0.72 16.59 -20.72
C ALA A 99 -0.19 15.45 -19.85
N VAL A 100 0.69 15.78 -18.90
CA VAL A 100 1.36 14.78 -18.08
C VAL A 100 0.80 14.88 -16.68
N SER A 101 0.06 13.86 -16.25
CA SER A 101 -0.37 13.76 -14.86
C SER A 101 0.73 13.05 -14.06
N LEU A 102 1.18 13.70 -12.98
CA LEU A 102 2.35 13.28 -12.22
C LEU A 102 3.48 13.11 -13.23
N ILE A 103 3.96 11.87 -13.44
CA ILE A 103 5.01 11.63 -14.43
C ILE A 103 4.60 10.56 -15.43
N ASP A 104 3.31 10.50 -15.74
CA ASP A 104 2.73 9.30 -16.38
C ASP A 104 2.73 9.35 -17.91
N THR A 105 3.85 9.65 -18.54
CA THR A 105 4.04 9.42 -19.96
C THR A 105 5.43 8.83 -20.15
N PRO A 106 5.67 8.13 -21.28
CA PRO A 106 7.02 7.60 -21.50
C PRO A 106 8.09 8.67 -21.48
N GLU A 107 7.77 9.84 -21.96
CA GLU A 107 8.69 10.90 -22.00
C GLU A 107 9.00 11.40 -20.63
N ALA A 108 8.03 11.70 -19.85
CA ALA A 108 8.21 12.12 -18.46
C ALA A 108 9.04 11.11 -17.68
N ARG A 109 8.71 9.82 -17.77
CA ARG A 109 9.46 8.82 -17.02
C ARG A 109 10.93 8.76 -17.45
N ALA A 110 11.19 8.80 -18.76
CA ALA A 110 12.56 8.82 -19.26
C ALA A 110 13.38 9.92 -18.60
N GLN A 111 12.81 11.14 -18.53
CA GLN A 111 13.56 12.27 -17.96
C GLN A 111 13.65 12.14 -16.46
N VAL A 112 12.58 11.68 -15.81
CA VAL A 112 12.62 11.44 -14.37
C VAL A 112 13.71 10.45 -14.06
N GLY A 113 13.82 9.38 -14.85
CA GLY A 113 14.85 8.37 -14.60
C GLY A 113 16.27 8.91 -14.68
N ARG A 114 16.47 10.02 -15.40
CA ARG A 114 17.77 10.65 -15.55
C ARG A 114 17.97 11.80 -14.58
N SER A 115 17.00 12.05 -13.70
CA SER A 115 17.11 13.17 -12.78
C SER A 115 17.74 12.76 -11.46
N ASP A 116 18.49 13.70 -10.86
CA ASP A 116 19.00 13.54 -9.52
C ASP A 116 17.96 13.91 -8.46
N VAL A 117 17.10 14.89 -8.76
CA VAL A 117 16.14 15.40 -7.80
C VAL A 117 14.82 15.61 -8.52
N ILE A 118 13.73 15.14 -7.91
CA ILE A 118 12.38 15.39 -8.38
C ILE A 118 11.71 16.29 -7.36
N VAL A 119 11.10 17.39 -7.82
CA VAL A 119 10.60 18.42 -6.92
C VAL A 119 9.17 18.73 -7.31
N GLY A 120 8.42 19.24 -6.35
CA GLY A 120 7.02 19.52 -6.60
C GLY A 120 6.33 20.19 -5.43
N CYS A 121 5.38 21.08 -5.72
CA CYS A 121 4.49 21.65 -4.72
C CYS A 121 3.09 21.31 -5.21
N LEU A 122 2.51 20.25 -4.64
CA LEU A 122 1.43 19.51 -5.29
C LEU A 122 0.10 19.68 -4.56
N PRO A 123 -1.02 19.51 -5.27
CA PRO A 123 -2.34 19.60 -4.62
C PRO A 123 -2.43 18.74 -3.37
N GLN A 124 -3.10 19.29 -2.37
CA GLN A 124 -3.23 18.58 -1.10
C GLN A 124 -4.35 19.25 -0.34
N VAL A 125 -5.00 18.47 0.54
CA VAL A 125 -5.96 19.06 1.46
C VAL A 125 -5.21 19.97 2.42
N GLY A 126 -5.74 21.17 2.62
CA GLY A 126 -5.08 22.21 3.37
C GLY A 126 -4.37 23.25 2.50
N GLU A 127 -4.23 22.98 1.20
CA GLU A 127 -3.74 24.01 0.28
C GLU A 127 -4.65 25.25 0.36
N PRO A 128 -4.13 26.43 -0.01
CA PRO A 128 -4.96 27.64 0.04
C PRO A 128 -6.23 27.46 -0.79
N ASP A 129 -7.34 27.93 -0.24
CA ASP A 129 -8.66 27.68 -0.84
C ASP A 129 -8.75 28.23 -2.27
N ASP A 130 -7.98 29.26 -2.60
CA ASP A 130 -8.08 29.90 -3.91
C ASP A 130 -7.02 29.41 -4.90
N VAL A 131 -6.29 28.35 -4.58
CA VAL A 131 -5.15 27.99 -5.41
C VAL A 131 -5.59 27.47 -6.77
N ARG A 132 -6.73 26.87 -6.84
CA ARG A 132 -7.19 26.40 -8.10
C ARG A 132 -7.66 27.51 -9.02
N LEU A 133 -8.41 28.45 -8.51
CA LEU A 133 -8.85 29.54 -9.30
C LEU A 133 -7.64 30.28 -9.78
N ARG A 134 -6.73 30.57 -8.88
CA ARG A 134 -5.52 31.23 -9.22
C ARG A 134 -4.81 30.51 -10.31
N ALA A 135 -4.57 29.24 -10.17
CA ALA A 135 -3.87 28.47 -11.19
C ALA A 135 -4.57 28.58 -12.54
N PHE A 136 -5.90 28.60 -12.53
CA PHE A 136 -6.66 28.62 -13.76
C PHE A 136 -6.54 29.98 -14.46
N ARG A 137 -6.66 31.04 -13.74
CA ARG A 137 -6.55 32.31 -14.35
C ARG A 137 -5.17 32.51 -14.82
N THR A 138 -4.24 31.96 -14.10
CA THR A 138 -2.86 32.13 -14.38
C THR A 138 -2.55 31.60 -15.73
N ALA A 139 -3.12 30.48 -16.06
CA ALA A 139 -2.92 29.90 -17.32
C ALA A 139 -3.40 30.78 -18.40
N GLN A 140 -4.69 31.06 -18.35
CA GLN A 140 -5.36 31.87 -19.32
C GLN A 140 -4.58 33.07 -19.62
N ALA A 141 -4.29 33.86 -18.61
CA ALA A 141 -3.60 35.12 -18.77
C ALA A 141 -2.24 35.10 -19.36
N ALA A 142 -1.73 33.91 -19.51
CA ALA A 142 -0.48 33.72 -20.11
C ALA A 142 -0.73 32.97 -21.36
N ALA A 143 -1.77 32.16 -21.40
CA ALA A 143 -2.08 31.43 -22.59
C ALA A 143 -2.62 32.35 -23.61
N LEU A 144 -1.95 33.44 -23.82
CA LEU A 144 -2.39 34.42 -24.75
C LEU A 144 -3.57 35.21 -24.22
N ALA A 145 -3.37 36.26 -23.45
CA ALA A 145 -2.05 36.68 -23.00
C ALA A 145 -1.15 36.86 -24.08
N ALA A 146 0.11 36.80 -23.76
CA ALA A 146 1.01 36.87 -24.87
C ALA A 146 1.41 35.45 -25.27
N HIS A 158 -9.90 24.47 -18.43
CA HIS A 158 -10.60 24.56 -17.16
C HIS A 158 -10.34 23.37 -16.30
N TYR A 159 -9.31 22.63 -16.68
CA TYR A 159 -8.91 21.43 -16.05
C TYR A 159 -7.55 21.19 -16.64
N TYR A 160 -6.83 20.23 -16.11
CA TYR A 160 -7.28 19.39 -15.01
C TYR A 160 -7.66 18.13 -15.68
N PRO A 161 -8.49 17.35 -15.07
CA PRO A 161 -9.10 17.53 -13.75
C PRO A 161 -8.21 17.03 -12.61
N TRP A 162 -8.05 17.87 -11.59
CA TRP A 162 -7.25 17.54 -10.46
C TRP A 162 -7.87 16.30 -9.84
N ALA A 163 -7.28 15.17 -10.13
CA ALA A 163 -7.78 13.92 -9.63
C ALA A 163 -7.85 13.74 -8.16
N GLU A 164 -8.41 12.67 -7.77
CA GLU A 164 -8.61 12.36 -6.39
C GLU A 164 -7.54 11.53 -5.68
N PHE A 165 -7.12 10.43 -6.30
CA PHE A 165 -6.13 9.55 -5.70
C PHE A 165 -6.65 9.16 -4.33
N ASP A 166 -7.91 8.76 -4.28
CA ASP A 166 -8.56 8.39 -3.01
C ASP A 166 -8.13 7.06 -2.41
N SER A 167 -7.63 6.15 -3.23
CA SER A 167 -7.23 4.86 -2.73
C SER A 167 -6.05 4.87 -1.77
N TYR A 168 -5.10 5.78 -1.99
CA TYR A 168 -3.89 5.86 -1.18
C TYR A 168 -4.11 6.01 0.32
N PRO A 169 -3.40 5.21 1.10
CA PRO A 169 -3.50 5.29 2.57
C PRO A 169 -3.34 6.69 3.13
N PHE A 170 -2.40 7.47 2.60
CA PHE A 170 -2.22 8.79 3.16
C PHE A 170 -3.23 9.80 2.61
N ASN A 171 -4.20 9.38 1.80
CA ASN A 171 -5.31 10.30 1.59
C ASN A 171 -6.18 10.41 2.83
N SER A 172 -5.99 9.55 3.83
CA SER A 172 -6.71 9.71 5.08
C SER A 172 -6.35 11.03 5.75
N VAL A 173 -5.16 11.56 5.46
CA VAL A 173 -4.78 12.86 5.97
C VAL A 173 -4.56 13.85 4.81
N GLY A 174 -5.18 13.58 3.66
CA GLY A 174 -5.26 14.54 2.58
C GLY A 174 -4.07 14.59 1.65
N LEU A 175 -3.23 13.56 1.64
CA LEU A 175 -1.97 13.59 0.91
C LEU A 175 -1.88 12.52 -0.15
N GLY A 176 -3.03 12.06 -0.67
CA GLY A 176 -3.03 10.95 -1.60
C GLY A 176 -2.20 11.21 -2.83
N LEU A 177 -2.34 12.40 -3.41
CA LEU A 177 -1.57 12.74 -4.61
C LEU A 177 -0.06 12.65 -4.36
N ASN A 178 0.39 13.21 -3.24
CA ASN A 178 1.82 13.14 -2.91
C ASN A 178 2.28 11.69 -2.71
N GLU A 179 1.43 10.83 -2.12
CA GLU A 179 1.82 9.43 -2.01
C GLU A 179 1.93 8.79 -3.38
N ALA A 180 0.98 9.07 -4.27
CA ALA A 180 1.00 8.51 -5.62
C ALA A 180 2.29 8.89 -6.36
N LEU A 181 2.78 10.12 -6.17
CA LEU A 181 4.05 10.51 -6.77
C LEU A 181 5.21 9.68 -6.22
N LEU A 182 5.28 9.52 -4.89
CA LEU A 182 6.36 8.73 -4.29
C LEU A 182 6.37 7.28 -4.78
N ARG A 183 5.19 6.66 -4.92
CA ARG A 183 5.11 5.34 -5.56
C ARG A 183 5.74 5.34 -6.95
N ARG A 184 5.55 6.42 -7.72
CA ARG A 184 6.14 6.48 -9.06
C ARG A 184 7.63 6.80 -9.00
N THR A 185 8.04 7.75 -8.23
CA THR A 185 9.44 8.10 -8.13
C THR A 185 10.35 6.95 -7.74
N ARG A 186 9.91 6.15 -6.79
CA ARG A 186 10.63 5.03 -6.32
C ARG A 186 10.84 4.01 -7.40
N ALA A 187 9.86 3.84 -8.22
CA ALA A 187 9.93 2.91 -9.27
C ALA A 187 10.72 3.37 -10.47
N THR A 188 10.58 4.59 -10.85
CA THR A 188 11.20 5.07 -12.07
C THR A 188 12.62 5.60 -11.83
N ALA A 189 12.86 6.25 -10.69
CA ALA A 189 14.16 6.86 -10.37
C ALA A 189 14.56 6.47 -8.96
N PRO A 190 14.95 5.21 -8.74
CA PRO A 190 15.10 4.72 -7.37
C PRO A 190 16.22 5.40 -6.60
N ALA A 191 17.19 6.03 -7.24
CA ALA A 191 18.27 6.70 -6.51
C ALA A 191 18.04 8.21 -6.36
N ALA A 192 16.90 8.73 -6.82
CA ALA A 192 16.67 10.17 -6.86
C ALA A 192 16.08 10.68 -5.55
N ASP A 193 16.56 11.85 -5.11
CA ASP A 193 15.86 12.59 -4.07
C ASP A 193 14.48 13.03 -4.56
N VAL A 194 13.56 13.23 -3.63
CA VAL A 194 12.23 13.80 -3.92
C VAL A 194 11.98 14.88 -2.89
N VAL A 195 11.75 16.11 -3.36
CA VAL A 195 11.63 17.27 -2.48
C VAL A 195 10.24 17.86 -2.70
N LEU A 196 9.45 17.92 -1.64
CA LEU A 196 8.04 18.28 -1.79
C LEU A 196 7.64 19.28 -0.71
N ASN A 197 6.66 20.13 -1.05
CA ASN A 197 6.15 21.17 -0.15
C ASN A 197 4.86 20.67 0.51
N PHE A 198 4.67 21.01 1.78
CA PHE A 198 3.57 20.49 2.57
C PHE A 198 3.01 21.53 3.52
N GLY A 199 1.69 21.63 3.58
CA GLY A 199 1.06 22.16 4.77
C GLY A 199 1.22 21.16 5.91
N ALA A 200 1.53 21.67 7.10
CA ALA A 200 1.96 20.81 8.19
C ALA A 200 0.95 20.75 9.33
N ARG A 201 -0.33 21.05 9.07
CA ARG A 201 -1.35 20.97 10.10
C ARG A 201 -1.47 19.57 10.69
N VAL A 202 -1.18 18.52 9.90
CA VAL A 202 -1.26 17.15 10.41
C VAL A 202 -0.04 16.75 11.21
N GLY A 203 0.96 17.63 11.33
CA GLY A 203 2.13 17.36 12.13
C GLY A 203 3.22 16.62 11.36
N SER A 204 4.45 16.78 11.84
CA SER A 204 5.63 16.24 11.16
C SER A 204 5.79 14.73 11.30
N ALA A 205 5.27 14.12 12.36
CA ALA A 205 5.29 12.66 12.41
C ALA A 205 4.52 12.06 11.23
N VAL A 206 3.29 12.54 11.01
CA VAL A 206 2.50 12.08 9.86
C VAL A 206 3.24 12.37 8.55
N LEU A 207 3.70 13.61 8.38
CA LEU A 207 4.42 13.97 7.15
C LEU A 207 5.63 13.07 6.94
N PHE A 208 6.39 12.81 7.99
CA PHE A 208 7.55 11.92 7.87
C PHE A 208 7.11 10.49 7.55
N GLU A 209 5.99 10.05 8.12
CA GLU A 209 5.49 8.71 7.84
C GLU A 209 5.17 8.51 6.36
N LEU A 210 4.59 9.53 5.72
CA LEU A 210 4.33 9.47 4.28
C LEU A 210 5.57 9.02 3.52
N PHE A 211 6.74 9.54 3.89
CA PHE A 211 7.97 9.16 3.20
C PHE A 211 8.45 7.78 3.63
N GLU A 212 8.44 7.50 4.95
CA GLU A 212 8.94 6.20 5.43
C GLU A 212 8.11 5.04 4.91
N ALA A 213 6.79 5.24 4.80
CA ALA A 213 5.93 4.19 4.27
C ALA A 213 6.30 3.82 2.85
N ASN A 214 7.02 4.70 2.14
CA ASN A 214 7.18 4.56 0.71
C ASN A 214 8.65 4.56 0.27
N GLY A 215 9.53 4.14 1.18
CA GLY A 215 10.92 3.88 0.83
C GLY A 215 11.87 5.04 1.01
N TYR A 216 11.49 6.08 1.75
CA TYR A 216 12.29 7.29 1.78
C TYR A 216 12.56 7.71 3.22
N VAL A 217 13.78 8.20 3.46
CA VAL A 217 14.14 8.81 4.73
C VAL A 217 13.86 10.31 4.62
N PRO A 218 12.92 10.85 5.40
CA PRO A 218 12.61 12.29 5.28
C PRO A 218 13.58 13.17 6.04
N GLU A 219 13.90 14.32 5.43
CA GLU A 219 14.61 15.43 6.09
C GLU A 219 13.81 16.69 5.86
N LYS A 220 13.45 17.39 6.94
CA LYS A 220 12.75 18.67 6.78
C LYS A 220 13.79 19.75 6.50
N LEU A 221 13.76 20.30 5.30
CA LEU A 221 14.75 21.29 4.91
C LEU A 221 14.42 22.68 5.43
N HIS A 222 13.14 23.01 5.58
CA HIS A 222 12.79 24.40 5.85
C HIS A 222 11.32 24.44 6.25
N SER A 223 10.96 25.42 7.09
CA SER A 223 9.55 25.62 7.43
C SER A 223 9.29 27.07 7.81
N GLN A 224 8.04 27.49 7.62
CA GLN A 224 7.57 28.84 7.93
C GLN A 224 6.18 28.78 8.54
N ILE A 225 5.91 29.70 9.47
CA ILE A 225 4.55 29.98 9.89
C ILE A 225 3.88 30.87 8.86
N VAL A 226 2.74 30.44 8.32
CA VAL A 226 2.06 31.27 7.32
C VAL A 226 0.65 31.60 7.80
N LEU A 227 0.16 32.76 7.38
CA LEU A 227 -1.18 33.18 7.70
C LEU A 227 -2.19 32.44 6.82
N GLN A 228 -3.21 31.89 7.36
CA GLN A 228 -4.21 31.26 6.58
C GLN A 228 -5.22 32.30 6.15
N HIS A 229 -5.67 32.26 4.93
CA HIS A 229 -6.65 33.21 4.44
C HIS A 229 -7.89 33.16 5.27
N ALA A 230 -8.50 34.29 5.44
CA ALA A 230 -9.70 34.37 6.21
C ALA A 230 -10.78 33.65 5.50
N GLY A 231 -11.60 33.00 6.23
CA GLY A 231 -12.64 32.19 5.62
C GLY A 231 -12.19 30.83 5.14
N THR A 232 -10.94 30.45 5.41
CA THR A 232 -10.48 29.11 5.06
C THR A 232 -11.23 28.06 5.87
N ASP A 233 -11.74 27.06 5.18
CA ASP A 233 -12.43 25.94 5.81
C ASP A 233 -11.40 24.97 6.39
N ILE A 234 -11.45 24.75 7.71
CA ILE A 234 -10.59 23.77 8.36
C ILE A 234 -11.40 22.63 8.98
N SER A 235 -12.62 22.40 8.49
CA SER A 235 -13.45 21.34 9.05
C SER A 235 -12.79 19.98 8.91
N PHE A 236 -12.08 19.74 7.80
CA PHE A 236 -11.34 18.50 7.65
C PHE A 236 -10.39 18.26 8.83
N PHE A 237 -9.67 19.30 9.25
CA PHE A 237 -8.68 19.09 10.29
C PHE A 237 -9.33 18.91 11.65
N VAL A 238 -10.46 19.58 11.88
CA VAL A 238 -11.22 19.35 13.11
C VAL A 238 -11.70 17.90 13.17
N ALA A 239 -12.30 17.42 12.08
CA ALA A 239 -12.76 16.03 12.06
C ALA A 239 -11.60 15.06 12.23
N LEU A 240 -10.48 15.33 11.57
CA LEU A 240 -9.35 14.40 11.66
C LEU A 240 -8.85 14.26 13.09
N GLU A 241 -8.74 15.36 13.83
CA GLU A 241 -8.18 15.25 15.17
C GLU A 241 -9.16 14.62 16.16
N ASN A 242 -10.47 14.75 15.92
CA ASN A 242 -11.43 13.97 16.70
C ASN A 242 -11.24 12.48 16.46
N ALA A 243 -11.04 12.10 15.19
CA ALA A 243 -10.84 10.71 14.83
C ALA A 243 -9.55 10.12 15.39
N LEU A 244 -8.55 10.89 15.69
CA LEU A 244 -7.29 10.31 16.12
C LEU A 244 -6.99 10.23 17.57
N ALA A 245 -7.90 10.65 18.42
CA ALA A 245 -7.67 10.52 19.84
C ALA A 245 -7.95 9.14 20.42
N GLN A 246 -7.20 8.84 21.46
CA GLN A 246 -7.25 7.60 22.20
C GLN A 246 -7.92 7.85 23.46
N ARG A 251 -0.29 12.83 24.31
CA ARG A 251 -0.66 11.57 23.70
C ARG A 251 -1.72 11.77 22.70
N GLU A 252 -2.71 12.57 23.05
CA GLU A 252 -3.79 12.88 22.17
C GLU A 252 -3.14 13.44 20.94
N PHE A 253 -3.76 13.25 19.80
CA PHE A 253 -3.24 13.77 18.58
C PHE A 253 -3.94 15.05 18.44
N THR A 254 -3.24 16.01 17.99
CA THR A 254 -3.82 17.32 17.77
C THR A 254 -3.25 17.89 16.49
N CYS A 255 -4.11 18.50 15.67
CA CYS A 255 -3.63 19.24 14.52
C CYS A 255 -2.89 20.49 14.97
N GLU A 256 -2.02 21.00 14.10
CA GLU A 256 -1.09 22.07 14.47
C GLU A 256 -1.47 23.36 13.75
N PHE A 257 -2.01 24.31 14.49
CA PHE A 257 -2.30 25.63 14.04
C PHE A 257 -1.65 26.56 15.05
N TYR A 258 -1.57 27.84 14.73
CA TYR A 258 -0.93 28.79 15.61
C TYR A 258 -1.69 30.09 15.63
N GLY A 259 -1.72 30.74 16.78
CA GLY A 259 -2.44 32.00 16.94
C GLY A 259 -1.63 33.26 16.73
N ASP A 260 -0.37 33.11 16.35
CA ASP A 260 0.48 34.23 16.12
C ASP A 260 1.50 33.93 15.04
N PRO A 261 2.00 34.90 14.34
CA PRO A 261 2.95 34.61 13.30
C PRO A 261 4.25 34.14 13.78
N GLU A 262 4.53 34.09 15.06
CA GLU A 262 5.81 33.54 15.49
C GLU A 262 5.68 32.06 15.82
N GLY A 263 4.47 31.61 15.83
CA GLY A 263 4.18 30.25 16.11
C GLY A 263 4.48 29.96 17.53
N ALA A 264 4.16 30.88 18.40
CA ALA A 264 4.40 30.67 19.79
C ALA A 264 3.19 30.16 20.49
N THR A 265 2.03 30.69 20.14
CA THR A 265 0.75 30.27 20.72
C THR A 265 0.17 29.11 19.91
N ARG A 266 0.16 27.94 20.45
CA ARG A 266 -0.38 26.82 19.77
C ARG A 266 -1.80 26.63 19.85
N LEU A 267 -2.37 26.05 18.83
CA LEU A 267 -3.80 25.83 18.80
C LEU A 267 -4.08 24.53 18.07
N SER A 268 -5.05 23.77 18.59
CA SER A 268 -5.60 22.63 17.87
C SER A 268 -6.56 23.12 16.79
N ALA A 269 -6.91 22.22 15.87
CA ALA A 269 -7.91 22.56 14.88
C ALA A 269 -9.20 23.03 15.54
N THR A 270 -9.59 22.36 16.63
CA THR A 270 -10.81 22.71 17.32
C THR A 270 -10.72 24.09 17.95
N GLU A 271 -9.59 24.40 18.60
CA GLU A 271 -9.46 25.72 19.21
C GLU A 271 -9.38 26.81 18.14
N ALA A 272 -8.69 26.54 17.03
CA ALA A 272 -8.59 27.52 15.96
C ALA A 272 -9.95 27.78 15.31
N GLN A 273 -10.74 26.72 15.11
CA GLN A 273 -12.09 26.90 14.59
C GLN A 273 -12.98 27.61 15.61
N ALA A 274 -12.82 27.28 16.89
CA ALA A 274 -13.56 27.99 17.94
C ALA A 274 -13.26 29.49 17.90
N LEU A 275 -11.96 29.84 17.82
CA LEU A 275 -11.56 31.24 17.72
C LEU A 275 -12.28 31.95 16.58
N VAL A 276 -12.40 31.28 15.43
CA VAL A 276 -12.99 31.90 14.25
C VAL A 276 -14.50 31.98 14.36
N ASP A 277 -15.09 31.06 15.09
CA ASP A 277 -16.49 31.10 15.26
C ASP A 277 -16.87 32.36 15.94
N THR A 278 -16.09 32.77 16.92
CA THR A 278 -16.33 33.97 17.61
C THR A 278 -15.99 35.19 16.81
N ASP A 279 -14.72 35.42 16.65
CA ASP A 279 -14.29 36.58 15.88
C ASP A 279 -14.03 36.11 14.46
N SER A 280 -14.91 36.52 13.54
CA SER A 280 -14.69 36.28 12.12
C SER A 280 -13.26 36.65 11.70
N ALA A 281 -12.75 37.77 12.20
CA ALA A 281 -11.47 38.31 11.75
C ALA A 281 -10.27 37.72 12.48
N ALA A 282 -10.45 36.61 13.18
CA ALA A 282 -9.34 36.01 13.91
C ALA A 282 -8.26 35.53 12.95
N GLU A 283 -7.02 35.84 13.27
CA GLU A 283 -5.89 35.41 12.46
C GLU A 283 -5.48 33.99 12.89
N ILE A 284 -5.38 33.10 11.91
CA ILE A 284 -5.03 31.71 12.15
C ILE A 284 -3.79 31.40 11.33
N TYR A 285 -2.83 30.73 11.95
CA TYR A 285 -1.56 30.42 11.33
C TYR A 285 -1.33 28.92 11.33
N HIS A 286 -0.51 28.45 10.39
CA HIS A 286 -0.08 27.07 10.38
C HIS A 286 1.30 27.01 9.76
N GLU A 287 1.91 25.84 9.84
CA GLU A 287 3.24 25.63 9.29
C GLU A 287 3.14 25.18 7.84
N VAL A 288 4.12 25.60 7.05
CA VAL A 288 4.40 25.01 5.75
C VAL A 288 5.85 24.59 5.78
N CYS A 289 6.16 23.43 5.23
CA CYS A 289 7.54 22.98 5.27
C CYS A 289 7.94 22.07 4.12
N VAL A 290 9.19 22.23 3.69
CA VAL A 290 9.74 21.43 2.62
C VAL A 290 10.43 20.21 3.20
N ILE A 291 10.09 19.03 2.71
CA ILE A 291 10.70 17.79 3.18
C ILE A 291 11.36 17.10 2.00
N ARG A 292 12.60 16.68 2.19
CA ARG A 292 13.29 15.88 1.20
C ARG A 292 13.22 14.41 1.63
N GLY A 293 12.82 13.55 0.71
CA GLY A 293 12.91 12.12 0.88
C GLY A 293 14.11 11.61 0.13
N ARG A 294 14.94 10.84 0.82
CA ARG A 294 16.15 10.31 0.24
C ARG A 294 16.11 8.79 0.34
N PRO A 295 16.22 8.04 -0.76
CA PRO A 295 16.25 6.57 -0.64
C PRO A 295 17.56 6.09 -0.03
N ALA A 296 17.55 4.83 0.42
CA ALA A 296 18.72 4.22 1.06
C ALA A 296 19.90 4.04 0.09
N PRO B 11 21.29 -32.14 23.18
CA PRO B 11 20.93 -30.74 23.03
C PRO B 11 19.60 -30.54 23.68
N HIS B 12 19.62 -30.34 24.98
CA HIS B 12 18.44 -30.13 25.76
C HIS B 12 17.76 -28.81 25.50
N ALA B 13 16.45 -28.80 25.57
CA ALA B 13 15.64 -27.68 25.35
C ALA B 13 15.78 -26.79 26.53
N PRO B 14 16.19 -25.50 26.25
CA PRO B 14 16.43 -24.67 27.41
C PRO B 14 15.21 -24.07 28.07
N GLU B 15 14.39 -24.93 28.63
CA GLU B 15 13.14 -24.54 29.27
C GLU B 15 13.36 -23.50 30.35
N PHE B 16 14.45 -23.64 31.10
CA PHE B 16 14.74 -22.71 32.19
C PHE B 16 14.83 -21.28 31.71
N ALA B 17 15.24 -21.05 30.46
CA ALA B 17 15.62 -19.70 30.01
C ALA B 17 14.43 -18.87 29.55
N PHE B 18 13.36 -19.51 29.07
CA PHE B 18 12.21 -18.77 28.58
C PHE B 18 11.51 -18.03 29.71
N ASP B 19 10.93 -16.89 29.37
CA ASP B 19 10.34 -16.04 30.37
C ASP B 19 9.16 -16.74 31.03
N PRO B 20 9.16 -16.88 32.32
CA PRO B 20 8.09 -17.59 32.99
C PRO B 20 7.00 -16.68 33.48
N THR B 21 7.27 -15.42 33.40
CA THR B 21 6.45 -14.37 33.84
C THR B 21 5.41 -13.87 32.82
N ASP B 22 5.69 -13.90 31.54
CA ASP B 22 4.84 -13.34 30.51
C ASP B 22 4.70 -14.24 29.34
N PRO B 23 3.54 -14.79 29.13
CA PRO B 23 3.31 -15.72 28.01
C PRO B 23 3.55 -15.10 26.64
N TRP B 24 3.40 -13.78 26.49
CA TRP B 24 3.75 -13.16 25.22
C TRP B 24 5.25 -13.19 24.99
N THR B 25 6.02 -12.79 26.00
CA THR B 25 7.47 -12.83 25.90
C THR B 25 7.98 -14.27 25.79
N GLU B 26 7.37 -15.19 26.53
CA GLU B 26 7.73 -16.60 26.40
C GLU B 26 7.56 -17.10 24.98
N THR B 27 6.43 -16.74 24.35
CA THR B 27 6.19 -17.16 22.98
C THR B 27 7.25 -16.59 22.06
N PHE B 28 7.56 -15.30 22.22
CA PHE B 28 8.57 -14.64 21.40
C PHE B 28 9.90 -15.38 21.50
N GLN B 29 10.37 -15.58 22.74
CA GLN B 29 11.68 -16.21 22.93
C GLN B 29 11.68 -17.63 22.38
N ARG B 30 10.58 -18.36 22.53
CA ARG B 30 10.53 -19.70 21.94
C ARG B 30 10.65 -19.64 20.43
N GLY B 31 10.02 -18.65 19.81
CA GLY B 31 10.18 -18.50 18.37
C GLY B 31 11.58 -18.05 18.01
N LEU B 32 12.19 -17.23 18.84
CA LEU B 32 13.54 -16.73 18.55
C LEU B 32 14.58 -17.86 18.59
N GLU B 33 14.39 -18.86 19.46
CA GLU B 33 15.31 -20.00 19.46
C GLU B 33 15.09 -20.85 18.23
N ILE B 34 13.84 -21.00 17.78
CA ILE B 34 13.53 -21.77 16.58
C ILE B 34 14.03 -21.08 15.32
N ALA B 35 14.14 -19.75 15.35
CA ALA B 35 14.51 -19.02 14.16
C ALA B 35 15.91 -19.39 13.68
N GLY B 36 16.78 -19.85 14.57
CA GLY B 36 18.14 -20.15 14.18
C GLY B 36 18.98 -18.90 14.04
N LEU B 37 19.16 -18.17 15.14
CA LEU B 37 19.93 -16.93 15.11
C LEU B 37 21.43 -17.17 15.30
N GLY B 38 21.85 -18.43 15.49
CA GLY B 38 23.24 -18.76 15.71
C GLY B 38 24.19 -18.14 14.71
N GLY B 39 25.18 -17.41 15.20
CA GLY B 39 26.16 -16.82 14.30
C GLY B 39 25.66 -15.66 13.45
N LYS B 40 24.58 -15.04 13.78
CA LYS B 40 24.11 -13.96 12.98
C LYS B 40 24.06 -12.63 13.60
N ARG B 41 23.95 -11.63 12.78
CA ARG B 41 23.83 -10.26 13.26
C ARG B 41 22.35 -9.91 13.38
N VAL B 42 21.91 -9.57 14.61
CA VAL B 42 20.49 -9.40 14.93
C VAL B 42 20.26 -7.98 15.44
N TYR B 43 19.14 -7.39 15.03
CA TYR B 43 18.73 -6.07 15.49
C TYR B 43 17.37 -6.22 16.16
N GLU B 44 17.24 -5.73 17.38
CA GLU B 44 15.94 -5.77 18.05
C GLU B 44 15.36 -4.37 18.14
N VAL B 45 14.14 -4.22 17.61
CA VAL B 45 13.35 -3.01 17.80
C VAL B 45 12.63 -3.10 19.14
N GLY B 46 12.87 -2.13 20.02
CA GLY B 46 12.25 -2.15 21.32
C GLY B 46 12.97 -3.07 22.31
N ILE B 47 14.22 -2.80 22.56
CA ILE B 47 14.98 -3.61 23.45
C ILE B 47 14.53 -3.64 24.87
N GLY B 48 13.87 -2.63 25.31
CA GLY B 48 13.41 -2.61 26.67
C GLY B 48 14.49 -2.78 27.70
N THR B 49 14.34 -3.77 28.55
CA THR B 49 15.31 -4.01 29.60
C THR B 49 16.47 -4.78 29.18
N GLY B 50 16.42 -5.37 28.03
CA GLY B 50 17.51 -6.11 27.53
C GLY B 50 17.46 -7.57 27.71
N ILE B 51 16.44 -8.10 28.32
CA ILE B 51 16.37 -9.52 28.54
C ILE B 51 16.35 -10.28 27.25
N ASN B 52 15.57 -9.88 26.28
CA ASN B 52 15.53 -10.55 24.98
C ASN B 52 16.92 -10.61 24.35
N VAL B 53 17.66 -9.52 24.45
CA VAL B 53 19.03 -9.49 23.93
C VAL B 53 19.89 -10.50 24.66
N ALA B 54 19.81 -10.51 26.00
CA ALA B 54 20.55 -11.49 26.79
C ALA B 54 20.19 -12.90 26.36
N PHE B 55 18.89 -13.15 26.17
CA PHE B 55 18.41 -14.44 25.71
C PHE B 55 19.00 -14.77 24.34
N MET B 56 18.96 -13.82 23.41
CA MET B 56 19.50 -14.08 22.07
C MET B 56 21.01 -14.31 22.11
N LEU B 57 21.72 -13.55 22.96
CA LEU B 57 23.16 -13.77 23.11
C LEU B 57 23.47 -15.11 23.76
N GLN B 58 22.84 -15.40 24.91
CA GLN B 58 23.27 -16.53 25.74
C GLN B 58 22.66 -17.85 25.28
N ILE B 59 21.44 -17.84 24.76
CA ILE B 59 20.75 -19.06 24.32
C ILE B 59 20.85 -19.23 22.80
N CYS B 60 20.54 -18.18 22.05
CA CYS B 60 20.49 -18.26 20.60
C CYS B 60 21.87 -18.18 19.93
N GLU B 61 22.90 -17.80 20.69
CA GLU B 61 24.27 -17.73 20.16
C GLU B 61 24.36 -16.78 18.97
N ALA B 62 23.64 -15.65 19.05
CA ALA B 62 23.79 -14.63 18.03
C ALA B 62 25.23 -14.13 18.01
N ALA B 63 25.77 -13.88 16.86
CA ALA B 63 27.09 -13.37 16.75
C ALA B 63 27.15 -12.01 17.24
N LEU B 64 26.18 -11.21 16.91
CA LEU B 64 26.09 -9.81 17.28
C LEU B 64 24.70 -9.34 17.40
N VAL B 65 24.44 -8.48 18.34
CA VAL B 65 23.17 -7.95 18.55
C VAL B 65 23.20 -6.50 18.75
N SER B 66 22.32 -5.82 18.07
CA SER B 66 22.12 -4.41 18.27
C SER B 66 20.63 -4.17 18.46
N GLY B 67 20.26 -2.92 18.65
CA GLY B 67 18.87 -2.61 18.86
C GLY B 67 18.72 -1.21 19.41
N SER B 68 17.45 -0.83 19.57
CA SER B 68 17.17 0.50 20.07
C SER B 68 15.82 0.47 20.75
N ASP B 69 15.50 1.54 21.46
CA ASP B 69 14.19 1.68 22.04
C ASP B 69 13.73 3.13 21.92
N LEU B 70 12.41 3.28 21.93
CA LEU B 70 11.81 4.61 21.88
C LEU B 70 12.24 5.47 23.06
N ASP B 71 12.45 4.83 24.22
CA ASP B 71 12.86 5.53 25.43
C ASP B 71 14.38 5.56 25.52
N PRO B 72 15.03 6.73 25.51
CA PRO B 72 16.50 6.76 25.45
C PRO B 72 17.17 6.36 26.75
N ARG B 73 16.48 6.23 27.84
CA ARG B 73 17.21 5.81 28.98
C ARG B 73 17.24 4.33 29.13
N LEU B 74 16.71 3.60 28.17
CA LEU B 74 16.66 2.15 28.28
C LEU B 74 17.85 1.44 27.64
N ALA B 75 18.50 2.05 26.64
CA ALA B 75 19.71 1.45 26.08
C ALA B 75 20.75 1.21 27.18
N GLY B 76 20.95 2.20 28.05
CA GLY B 76 21.88 2.03 29.14
C GLY B 76 21.45 0.94 30.09
N LEU B 77 20.17 0.94 30.47
CA LEU B 77 19.65 -0.11 31.35
C LEU B 77 19.76 -1.48 30.69
N ALA B 78 19.52 -1.59 29.42
CA ALA B 78 19.65 -2.85 28.76
C ALA B 78 21.03 -3.26 28.84
N GLU B 79 21.95 -2.35 28.68
CA GLU B 79 23.35 -2.70 28.67
C GLU B 79 23.80 -3.27 29.95
N ARG B 80 23.18 -2.81 31.00
CA ARG B 80 23.47 -3.21 32.30
C ARG B 80 23.03 -4.60 32.51
N ASN B 81 21.82 -4.89 32.15
CA ASN B 81 21.30 -6.23 32.37
C ASN B 81 21.91 -7.25 31.44
N VAL B 82 22.44 -6.85 30.29
CA VAL B 82 23.08 -7.82 29.42
C VAL B 82 24.45 -8.20 29.99
N ARG B 83 25.09 -7.24 30.56
CA ARG B 83 26.32 -7.45 31.21
C ARG B 83 26.15 -8.28 32.47
N ASP B 84 25.07 -8.14 33.18
CA ASP B 84 24.85 -8.93 34.32
C ASP B 84 24.32 -10.30 34.02
N LEU B 85 23.66 -10.48 32.91
CA LEU B 85 23.10 -11.75 32.58
C LEU B 85 23.80 -12.59 31.56
N ALA B 86 24.65 -12.00 30.76
CA ALA B 86 25.45 -12.71 29.77
C ALA B 86 26.84 -12.08 29.69
N PRO B 87 27.59 -12.09 30.81
CA PRO B 87 28.88 -11.38 30.83
C PRO B 87 29.83 -11.80 29.73
N ARG B 88 29.90 -13.10 29.44
CA ARG B 88 30.88 -13.60 28.49
C ARG B 88 30.43 -13.42 27.04
N ARG B 89 29.20 -12.94 26.82
CA ARG B 89 28.74 -12.58 25.49
C ARG B 89 28.42 -11.10 25.35
N ALA B 90 28.35 -10.35 26.45
CA ALA B 90 27.83 -8.99 26.41
C ALA B 90 28.67 -8.07 25.54
N ASP B 91 29.84 -8.48 25.25
CA ASP B 91 30.64 -7.72 24.40
C ASP B 91 30.14 -7.74 23.01
N ARG B 92 29.11 -8.53 22.77
CA ARG B 92 28.54 -8.64 21.43
C ARG B 92 27.33 -7.73 21.28
N PHE B 93 27.03 -6.99 22.34
CA PHE B 93 25.93 -6.10 22.35
C PHE B 93 26.32 -4.68 22.07
N HIS B 94 25.72 -4.11 21.07
CA HIS B 94 26.09 -2.77 20.63
C HIS B 94 24.79 -2.01 20.42
N PRO B 95 24.16 -1.53 21.48
CA PRO B 95 22.89 -0.84 21.32
C PRO B 95 23.08 0.50 20.64
N VAL B 96 22.03 1.02 20.07
CA VAL B 96 22.00 2.30 19.43
C VAL B 96 21.36 3.23 20.41
N GLU B 97 22.03 4.29 20.73
CA GLU B 97 21.53 5.24 21.69
C GLU B 97 20.58 6.26 21.16
N GLY B 98 19.78 6.78 22.02
CA GLY B 98 18.85 7.80 21.66
C GLY B 98 17.48 7.32 21.61
N ALA B 99 16.55 8.22 21.56
CA ALA B 99 15.12 7.90 21.46
C ALA B 99 14.83 7.50 20.01
N VAL B 100 14.72 6.21 19.76
CA VAL B 100 14.59 5.69 18.40
C VAL B 100 13.20 5.10 18.27
N SER B 101 12.34 5.76 17.51
CA SER B 101 11.09 5.17 17.07
C SER B 101 11.33 4.27 15.87
N LEU B 102 10.91 3.01 15.99
CA LEU B 102 11.18 1.98 15.00
C LEU B 102 12.69 1.99 14.75
N ILE B 103 13.12 2.35 13.55
CA ILE B 103 14.56 2.46 13.28
C ILE B 103 14.91 3.83 12.70
N ASP B 104 14.28 4.88 13.21
CA ASP B 104 14.25 6.17 12.50
C ASP B 104 15.32 7.13 12.99
N THR B 105 16.57 6.69 12.96
CA THR B 105 17.75 7.55 13.08
C THR B 105 18.80 7.02 12.11
N PRO B 106 19.80 7.79 11.83
CA PRO B 106 20.81 7.33 10.93
C PRO B 106 21.61 6.21 11.50
N GLU B 107 21.81 6.24 12.82
CA GLU B 107 22.56 5.21 13.51
C GLU B 107 21.80 3.89 13.44
N ALA B 108 20.52 3.94 13.80
CA ALA B 108 19.71 2.79 13.76
C ALA B 108 19.70 2.23 12.39
N ARG B 109 19.57 3.04 11.38
CA ARG B 109 19.49 2.60 10.04
C ARG B 109 20.74 1.93 9.55
N ALA B 110 21.88 2.47 9.83
CA ALA B 110 23.16 1.84 9.49
C ALA B 110 23.27 0.45 10.11
N GLN B 111 22.88 0.31 11.36
CA GLN B 111 22.94 -1.01 11.99
C GLN B 111 21.99 -1.99 11.31
N VAL B 112 20.74 -1.56 11.09
CA VAL B 112 19.76 -2.46 10.47
C VAL B 112 20.29 -2.97 9.13
N GLY B 113 20.86 -2.07 8.31
CA GLY B 113 21.39 -2.43 7.01
C GLY B 113 22.50 -3.46 7.06
N ARG B 114 23.09 -3.66 8.20
CA ARG B 114 24.10 -4.65 8.33
C ARG B 114 23.59 -5.86 9.02
N SER B 115 22.35 -5.91 9.37
CA SER B 115 21.78 -7.02 10.12
C SER B 115 21.25 -8.13 9.21
N ASP B 116 21.44 -9.37 9.64
CA ASP B 116 20.81 -10.50 8.96
C ASP B 116 19.35 -10.64 9.35
N VAL B 117 18.98 -10.28 10.59
CA VAL B 117 17.64 -10.53 11.12
C VAL B 117 17.23 -9.32 11.95
N ILE B 118 16.00 -8.84 11.75
CA ILE B 118 15.37 -7.85 12.62
C ILE B 118 14.26 -8.56 13.39
N VAL B 119 14.16 -8.28 14.69
CA VAL B 119 13.18 -8.97 15.52
C VAL B 119 12.41 -7.94 16.32
N GLY B 120 11.20 -8.28 16.72
CA GLY B 120 10.51 -7.40 17.63
C GLY B 120 9.18 -7.93 18.13
N CYS B 121 8.80 -7.49 19.33
CA CYS B 121 7.46 -7.71 19.87
C CYS B 121 6.92 -6.30 20.08
N LEU B 122 6.17 -5.82 19.10
CA LEU B 122 5.86 -4.41 18.96
C LEU B 122 4.43 -4.11 19.38
N PRO B 123 4.13 -2.86 19.75
CA PRO B 123 2.75 -2.48 20.08
C PRO B 123 1.79 -2.87 18.96
N GLN B 124 0.56 -3.18 19.35
CA GLN B 124 -0.44 -3.71 18.44
C GLN B 124 -1.76 -3.82 19.19
N VAL B 125 -2.86 -3.68 18.45
CA VAL B 125 -4.16 -3.79 19.10
C VAL B 125 -4.34 -5.24 19.56
N GLY B 126 -4.57 -5.42 20.84
CA GLY B 126 -4.71 -6.74 21.43
C GLY B 126 -3.57 -7.13 22.34
N GLU B 127 -2.52 -6.30 22.43
CA GLU B 127 -1.47 -6.50 23.40
C GLU B 127 -2.07 -6.47 24.81
N PRO B 128 -1.41 -7.10 25.79
CA PRO B 128 -1.94 -7.06 27.15
C PRO B 128 -2.06 -5.62 27.64
N ASP B 129 -3.13 -5.32 28.37
CA ASP B 129 -3.37 -3.96 28.82
C ASP B 129 -2.29 -3.43 29.75
N ASP B 130 -1.49 -4.29 30.33
CA ASP B 130 -0.54 -3.80 31.27
C ASP B 130 0.82 -3.55 30.80
N VAL B 131 1.09 -3.91 29.57
CA VAL B 131 2.41 -3.70 29.03
C VAL B 131 2.70 -2.25 28.95
N ARG B 132 1.69 -1.46 28.62
CA ARG B 132 1.83 -0.02 28.51
C ARG B 132 2.45 0.57 29.77
N LEU B 133 2.06 0.04 30.92
CA LEU B 133 2.54 0.55 32.18
C LEU B 133 3.93 0.17 32.57
N ARG B 134 4.74 1.21 32.70
CA ARG B 134 6.13 1.13 33.04
C ARG B 134 6.44 2.53 33.42
N ALA B 135 6.93 2.71 34.63
CA ALA B 135 7.31 1.63 35.54
C ALA B 135 8.59 1.06 35.09
N PHE B 136 9.39 1.89 34.45
CA PHE B 136 10.68 1.51 33.95
C PHE B 136 11.29 2.57 33.08
N TYR B 159 3.40 2.92 21.05
CA TYR B 159 2.69 3.71 21.99
C TYR B 159 3.81 4.12 22.85
N TYR B 160 4.07 5.42 22.96
CA TYR B 160 3.26 6.50 22.39
C TYR B 160 3.21 6.96 20.92
N PRO B 161 4.20 6.93 20.10
CA PRO B 161 3.85 7.33 18.72
C PRO B 161 2.75 6.40 18.24
N TRP B 162 1.66 6.87 17.68
CA TRP B 162 0.62 5.94 17.23
C TRP B 162 -0.27 6.49 16.12
N ALA B 163 -0.63 7.76 16.21
CA ALA B 163 -1.46 8.36 15.25
C ALA B 163 -0.94 8.37 13.87
N GLU B 164 0.37 8.50 13.72
CA GLU B 164 1.00 8.53 12.40
C GLU B 164 0.93 7.21 11.64
N PHE B 165 0.56 6.15 12.35
CA PHE B 165 0.45 4.83 11.74
C PHE B 165 -1.00 4.45 11.53
N ASP B 166 -1.90 5.41 11.73
CA ASP B 166 -3.32 5.12 11.54
C ASP B 166 -3.68 4.80 10.09
N SER B 167 -2.96 5.39 9.12
CA SER B 167 -3.36 5.23 7.73
C SER B 167 -2.98 3.87 7.13
N TYR B 168 -2.09 3.11 7.75
CA TYR B 168 -1.61 1.89 7.13
C TYR B 168 -2.76 0.92 6.85
N PRO B 169 -2.77 0.27 5.70
CA PRO B 169 -3.85 -0.68 5.39
C PRO B 169 -4.07 -1.72 6.48
N PHE B 170 -3.00 -2.22 7.12
CA PHE B 170 -3.18 -3.23 8.16
C PHE B 170 -3.44 -2.62 9.54
N ASN B 171 -3.54 -1.30 9.66
CA ASN B 171 -4.09 -0.79 10.90
C ASN B 171 -5.56 -1.13 11.06
N SER B 172 -6.23 -1.54 9.98
CA SER B 172 -7.62 -1.99 10.09
C SER B 172 -7.74 -3.23 10.96
N VAL B 173 -6.68 -4.04 11.09
CA VAL B 173 -6.66 -5.16 12.00
C VAL B 173 -5.73 -4.89 13.19
N GLY B 174 -5.39 -3.62 13.42
CA GLY B 174 -4.61 -3.22 14.57
C GLY B 174 -3.12 -3.47 14.46
N LEU B 175 -2.59 -3.65 13.24
CA LEU B 175 -1.19 -3.99 13.01
C LEU B 175 -0.43 -2.92 12.25
N GLY B 176 -0.91 -1.67 12.26
CA GLY B 176 -0.27 -0.61 11.50
C GLY B 176 1.17 -0.33 11.89
N LEU B 177 1.47 -0.37 13.19
CA LEU B 177 2.86 -0.16 13.61
C LEU B 177 3.76 -1.24 13.03
N ASN B 178 3.32 -2.50 13.09
CA ASN B 178 4.13 -3.56 12.48
C ASN B 178 4.26 -3.34 10.98
N GLU B 179 3.17 -2.94 10.31
CA GLU B 179 3.30 -2.66 8.89
C GLU B 179 4.32 -1.57 8.63
N ALA B 180 4.32 -0.51 9.45
CA ALA B 180 5.31 0.58 9.26
C ALA B 180 6.74 0.06 9.36
N LEU B 181 6.99 -0.87 10.29
CA LEU B 181 8.32 -1.45 10.41
C LEU B 181 8.70 -2.22 9.15
N LEU B 182 7.76 -3.00 8.59
CA LEU B 182 8.05 -3.77 7.38
C LEU B 182 8.38 -2.87 6.19
N ARG B 183 7.74 -1.68 6.10
CA ARG B 183 8.11 -0.75 5.03
C ARG B 183 9.55 -0.29 5.17
N ARG B 184 10.00 -0.07 6.41
CA ARG B 184 11.37 0.39 6.63
C ARG B 184 12.37 -0.75 6.42
N THR B 185 12.09 -1.94 6.96
CA THR B 185 13.08 -3.01 6.85
C THR B 185 13.32 -3.39 5.40
N ARG B 186 12.33 -3.36 4.57
CA ARG B 186 12.48 -3.69 3.18
C ARG B 186 13.37 -2.76 2.42
N ALA B 187 13.31 -1.49 2.80
CA ALA B 187 14.09 -0.46 2.13
C ALA B 187 15.50 -0.35 2.68
N THR B 188 15.63 -0.47 4.00
CA THR B 188 16.91 -0.37 4.63
C THR B 188 17.73 -1.62 4.62
N ALA B 189 17.09 -2.76 4.68
CA ALA B 189 17.79 -4.05 4.72
C ALA B 189 17.02 -5.09 3.91
N PRO B 190 17.03 -4.96 2.57
CA PRO B 190 16.14 -5.79 1.75
C PRO B 190 16.43 -7.27 1.79
N ALA B 191 17.56 -7.66 2.37
CA ALA B 191 17.94 -9.06 2.45
C ALA B 191 17.65 -9.67 3.82
N ALA B 192 17.34 -8.87 4.82
CA ALA B 192 17.20 -9.37 6.17
C ALA B 192 15.86 -10.04 6.42
N ASP B 193 15.89 -11.08 7.24
CA ASP B 193 14.66 -11.62 7.80
C ASP B 193 14.07 -10.64 8.81
N VAL B 194 12.74 -10.67 8.95
CA VAL B 194 12.04 -9.94 10.00
C VAL B 194 11.21 -10.94 10.79
N VAL B 195 11.46 -11.00 12.10
CA VAL B 195 10.78 -11.95 12.99
C VAL B 195 9.98 -11.15 14.01
N LEU B 196 8.66 -11.32 14.00
CA LEU B 196 7.77 -10.47 14.80
C LEU B 196 6.79 -11.31 15.61
N ASN B 197 6.44 -10.79 16.79
CA ASN B 197 5.48 -11.43 17.69
C ASN B 197 4.09 -10.85 17.49
N PHE B 198 3.07 -11.73 17.45
CA PHE B 198 1.71 -11.31 17.11
C PHE B 198 0.66 -11.98 18.00
N GLY B 199 -0.28 -11.19 18.52
CA GLY B 199 -1.56 -11.75 18.91
C GLY B 199 -2.34 -12.13 17.65
N ALA B 200 -2.93 -13.33 17.64
CA ALA B 200 -3.55 -13.90 16.44
C ALA B 200 -5.07 -13.96 16.49
N ARG B 201 -5.71 -13.12 17.31
CA ARG B 201 -7.18 -13.04 17.27
C ARG B 201 -7.70 -12.81 15.84
N VAL B 202 -7.02 -11.99 15.04
CA VAL B 202 -7.47 -11.74 13.67
C VAL B 202 -7.23 -12.92 12.75
N GLY B 203 -6.56 -13.98 13.22
CA GLY B 203 -6.36 -15.17 12.42
C GLY B 203 -5.10 -15.09 11.56
N SER B 204 -4.61 -16.28 11.18
CA SER B 204 -3.31 -16.41 10.53
C SER B 204 -3.32 -15.97 9.07
N ALA B 205 -4.46 -16.10 8.37
CA ALA B 205 -4.54 -15.60 7.01
C ALA B 205 -4.21 -14.11 6.98
N VAL B 206 -4.80 -13.34 7.90
CA VAL B 206 -4.54 -11.91 7.94
C VAL B 206 -3.10 -11.64 8.35
N LEU B 207 -2.59 -12.37 9.36
CA LEU B 207 -1.21 -12.18 9.79
C LEU B 207 -0.23 -12.46 8.65
N PHE B 208 -0.49 -13.50 7.85
CA PHE B 208 0.41 -13.82 6.74
C PHE B 208 0.34 -12.76 5.65
N GLU B 209 -0.86 -12.22 5.40
CA GLU B 209 -1.03 -11.21 4.38
C GLU B 209 -0.25 -9.94 4.71
N LEU B 210 -0.13 -9.61 5.99
CA LEU B 210 0.67 -8.45 6.38
C LEU B 210 2.07 -8.56 5.79
N PHE B 211 2.61 -9.77 5.76
CA PHE B 211 3.94 -9.98 5.21
C PHE B 211 3.92 -10.03 3.68
N GLU B 212 2.98 -10.78 3.11
CA GLU B 212 2.93 -10.92 1.66
C GLU B 212 2.60 -9.59 0.99
N ALA B 213 1.78 -8.75 1.62
CA ALA B 213 1.49 -7.44 1.06
C ALA B 213 2.73 -6.55 0.99
N ASN B 214 3.77 -6.87 1.75
CA ASN B 214 4.89 -5.96 1.96
C ASN B 214 6.23 -6.57 1.57
N GLY B 215 6.22 -7.60 0.73
CA GLY B 215 7.45 -8.11 0.15
C GLY B 215 8.10 -9.30 0.82
N TYR B 216 7.41 -9.96 1.77
CA TYR B 216 7.96 -11.00 2.61
C TYR B 216 7.14 -12.28 2.52
N VAL B 217 7.81 -13.43 2.50
CA VAL B 217 7.16 -14.72 2.61
C VAL B 217 7.09 -15.12 4.08
N PRO B 218 5.90 -15.26 4.65
CA PRO B 218 5.78 -15.56 6.07
C PRO B 218 5.94 -17.05 6.38
N GLU B 219 6.42 -17.34 7.60
CA GLU B 219 6.50 -18.69 8.16
C GLU B 219 6.21 -18.58 9.65
N LYS B 220 5.19 -19.28 10.12
CA LYS B 220 4.92 -19.29 11.56
C LYS B 220 5.94 -20.17 12.26
N LEU B 221 6.80 -19.57 13.08
CA LEU B 221 7.85 -20.35 13.74
C LEU B 221 7.32 -21.07 14.97
N HIS B 222 6.41 -20.45 15.71
CA HIS B 222 5.98 -20.98 17.00
C HIS B 222 4.70 -20.26 17.39
N SER B 223 3.86 -20.95 18.15
CA SER B 223 2.60 -20.37 18.62
C SER B 223 2.23 -20.99 19.96
N GLN B 224 1.48 -20.23 20.77
CA GLN B 224 0.95 -20.71 22.05
C GLN B 224 -0.44 -20.13 22.27
N ILE B 225 -1.24 -20.88 23.01
CA ILE B 225 -2.49 -20.38 23.57
C ILE B 225 -2.18 -19.70 24.89
N VAL B 226 -2.66 -18.47 25.05
CA VAL B 226 -2.43 -17.72 26.27
C VAL B 226 -3.77 -17.30 26.85
N LEU B 227 -3.77 -16.98 28.14
CA LEU B 227 -4.93 -16.47 28.83
C LEU B 227 -4.89 -14.95 28.82
N GLN B 228 -5.91 -14.32 28.23
CA GLN B 228 -6.02 -12.88 28.32
C GLN B 228 -6.54 -12.52 29.70
N HIS B 229 -6.05 -11.44 30.22
CA HIS B 229 -6.41 -11.01 31.52
C HIS B 229 -7.84 -10.72 31.63
N ALA B 230 -8.50 -11.30 32.60
CA ALA B 230 -9.89 -11.05 32.88
C ALA B 230 -10.15 -9.59 32.85
N GLY B 231 -11.19 -9.16 32.17
CA GLY B 231 -11.42 -7.74 32.09
C GLY B 231 -10.75 -7.04 30.94
N THR B 232 -10.20 -7.77 29.97
CA THR B 232 -9.59 -7.16 28.80
C THR B 232 -10.67 -6.80 27.79
N ASP B 233 -10.58 -5.58 27.27
CA ASP B 233 -11.56 -5.08 26.32
C ASP B 233 -11.28 -5.67 24.94
N ILE B 234 -12.29 -6.32 24.37
CA ILE B 234 -12.17 -6.82 23.00
C ILE B 234 -13.27 -6.24 22.11
N SER B 235 -13.76 -5.04 22.47
CA SER B 235 -14.67 -4.32 21.58
C SER B 235 -14.12 -4.24 20.17
N PHE B 236 -12.81 -3.94 20.05
CA PHE B 236 -12.19 -3.86 18.74
C PHE B 236 -12.43 -5.12 17.92
N PHE B 237 -12.25 -6.28 18.53
CA PHE B 237 -12.38 -7.50 17.76
C PHE B 237 -13.83 -7.85 17.47
N VAL B 238 -14.73 -7.56 18.41
CA VAL B 238 -16.16 -7.72 18.12
C VAL B 238 -16.56 -6.83 16.95
N ALA B 239 -16.03 -5.60 16.92
CA ALA B 239 -16.35 -4.68 15.83
C ALA B 239 -15.93 -5.25 14.48
N LEU B 240 -14.75 -5.90 14.42
CA LEU B 240 -14.31 -6.51 13.18
C LEU B 240 -15.30 -7.53 12.65
N GLU B 241 -16.00 -8.22 13.55
CA GLU B 241 -16.94 -9.26 13.15
C GLU B 241 -18.27 -8.68 12.69
N ASN B 242 -18.58 -7.51 13.09
CA ASN B 242 -19.83 -6.91 12.76
C ASN B 242 -19.70 -5.92 11.69
N ALA B 243 -18.55 -5.88 11.07
CA ALA B 243 -18.29 -4.90 10.09
C ALA B 243 -18.50 -5.25 8.69
N LEU B 244 -18.96 -4.27 7.92
CA LEU B 244 -19.16 -4.42 6.50
C LEU B 244 -17.77 -4.28 5.91
N ALA B 245 -17.52 -4.99 4.84
CA ALA B 245 -16.24 -4.97 4.22
C ALA B 245 -15.90 -3.60 3.66
N GLN B 246 -14.64 -3.32 3.39
CA GLN B 246 -14.26 -2.02 2.88
C GLN B 246 -15.05 -1.63 1.66
N THR B 247 -15.46 -2.63 0.92
CA THR B 247 -16.14 -2.39 -0.33
C THR B 247 -17.19 -1.29 -0.31
N GLY B 248 -18.37 -1.48 0.31
CA GLY B 248 -18.81 -2.69 1.01
C GLY B 248 -20.17 -2.65 1.72
N LEU B 249 -20.98 -3.69 1.77
CA LEU B 249 -20.83 -5.06 1.27
C LEU B 249 -20.56 -6.15 2.32
N GLU B 250 -21.21 -7.27 2.14
CA GLU B 250 -21.08 -8.35 3.07
C GLU B 250 -19.70 -8.91 3.29
N ARG B 251 -19.45 -9.18 4.56
CA ARG B 251 -18.21 -9.67 5.00
C ARG B 251 -18.43 -10.68 6.12
N GLU B 252 -18.01 -11.90 5.90
CA GLU B 252 -18.10 -12.89 6.90
C GLU B 252 -16.72 -12.99 7.53
N PHE B 253 -16.60 -12.71 8.82
CA PHE B 253 -15.32 -12.76 9.48
C PHE B 253 -15.46 -13.06 10.91
N THR B 254 -14.68 -13.99 11.40
CA THR B 254 -14.73 -14.41 12.79
C THR B 254 -13.32 -14.36 13.38
N CYS B 255 -13.19 -13.73 14.54
CA CYS B 255 -11.93 -13.73 15.29
C CYS B 255 -11.73 -15.09 15.96
N GLU B 256 -10.48 -15.39 16.30
CA GLU B 256 -10.15 -16.66 16.93
C GLU B 256 -9.84 -16.42 18.41
N PHE B 257 -10.80 -16.78 19.26
CA PHE B 257 -10.60 -16.95 20.69
C PHE B 257 -10.78 -18.41 21.07
N TYR B 258 -10.55 -18.72 22.33
CA TYR B 258 -10.66 -20.09 22.81
C TYR B 258 -11.20 -20.09 24.23
N GLY B 259 -11.92 -21.13 24.54
CA GLY B 259 -12.51 -21.31 25.83
C GLY B 259 -11.71 -22.11 26.81
N ASP B 260 -10.75 -22.84 26.33
CA ASP B 260 -9.92 -23.64 27.16
C ASP B 260 -8.53 -23.20 26.99
N PRO B 261 -7.60 -23.97 27.64
CA PRO B 261 -6.24 -23.56 27.48
C PRO B 261 -5.52 -24.42 26.52
N GLU B 262 -6.14 -25.40 25.93
CA GLU B 262 -5.49 -26.18 24.92
C GLU B 262 -6.01 -25.75 23.61
N GLY B 263 -6.81 -24.70 23.61
CA GLY B 263 -7.38 -24.21 22.38
C GLY B 263 -8.25 -25.24 21.68
N ALA B 264 -9.00 -26.01 22.48
CA ALA B 264 -9.86 -27.04 21.92
C ALA B 264 -11.23 -26.50 21.52
N THR B 265 -11.76 -25.58 22.32
CA THR B 265 -13.05 -25.01 22.04
C THR B 265 -12.92 -23.60 21.50
N ARG B 266 -13.31 -23.40 20.27
CA ARG B 266 -13.22 -22.12 19.64
C ARG B 266 -14.30 -21.19 19.99
N LEU B 267 -14.00 -19.92 19.99
CA LEU B 267 -14.97 -18.86 20.26
C LEU B 267 -14.72 -17.68 19.34
N SER B 268 -15.80 -17.11 18.82
CA SER B 268 -15.72 -15.81 18.17
C SER B 268 -15.48 -14.73 19.23
N ALA B 269 -15.18 -13.52 18.76
CA ALA B 269 -15.06 -12.40 19.67
C ALA B 269 -16.41 -12.06 20.30
N THR B 270 -17.48 -12.11 19.51
CA THR B 270 -18.82 -11.89 20.07
C THR B 270 -19.12 -12.92 21.15
N GLU B 271 -18.92 -14.21 20.83
CA GLU B 271 -19.15 -15.27 21.81
C GLU B 271 -18.31 -15.06 23.07
N ALA B 272 -17.07 -14.58 22.92
CA ALA B 272 -16.21 -14.40 24.07
C ALA B 272 -16.71 -13.27 24.96
N GLN B 273 -17.13 -12.15 24.35
CA GLN B 273 -17.72 -11.06 25.14
C GLN B 273 -18.99 -11.53 25.85
N ALA B 274 -19.80 -12.27 25.16
CA ALA B 274 -20.98 -12.74 25.74
C ALA B 274 -20.71 -13.44 27.02
N LEU B 275 -19.60 -14.15 27.14
CA LEU B 275 -19.33 -14.90 28.34
C LEU B 275 -18.87 -14.07 29.41
N VAL B 276 -18.04 -13.12 29.07
CA VAL B 276 -17.55 -12.23 30.06
C VAL B 276 -18.76 -11.54 30.66
N ASP B 277 -19.77 -11.35 29.85
CA ASP B 277 -20.97 -10.76 30.36
C ASP B 277 -21.58 -11.75 31.34
N THR B 278 -21.94 -12.94 30.89
CA THR B 278 -22.46 -13.93 31.80
C THR B 278 -21.56 -14.08 33.02
N ASP B 279 -20.23 -14.11 32.87
CA ASP B 279 -19.31 -14.21 34.03
C ASP B 279 -18.11 -13.29 34.08
N SER B 280 -18.04 -12.45 35.08
CA SER B 280 -16.96 -11.51 35.23
C SER B 280 -15.64 -12.12 35.24
N ALA B 281 -15.62 -13.39 35.51
CA ALA B 281 -14.37 -14.08 35.57
C ALA B 281 -14.26 -15.26 34.66
N ALA B 282 -14.97 -15.18 33.57
CA ALA B 282 -14.86 -16.21 32.55
C ALA B 282 -13.46 -16.15 31.96
N GLU B 283 -12.88 -17.33 31.71
CA GLU B 283 -11.50 -17.42 31.24
C GLU B 283 -11.49 -17.42 29.71
N ILE B 284 -10.76 -16.48 29.13
CA ILE B 284 -10.74 -16.25 27.70
C ILE B 284 -9.30 -16.38 27.21
N TYR B 285 -9.11 -17.18 26.15
CA TYR B 285 -7.79 -17.46 25.62
C TYR B 285 -7.71 -17.09 24.15
N HIS B 286 -6.49 -16.86 23.69
CA HIS B 286 -6.23 -16.61 22.28
C HIS B 286 -4.80 -17.02 21.97
N GLU B 287 -4.50 -17.10 20.68
CA GLU B 287 -3.17 -17.51 20.25
C GLU B 287 -2.23 -16.31 20.20
N VAL B 288 -0.98 -16.54 20.61
CA VAL B 288 0.14 -15.67 20.30
C VAL B 288 1.08 -16.45 19.40
N CYS B 289 1.66 -15.81 18.39
CA CYS B 289 2.54 -16.57 17.52
C CYS B 289 3.64 -15.71 16.94
N VAL B 290 4.76 -16.37 16.62
CA VAL B 290 5.93 -15.70 16.09
C VAL B 290 6.02 -16.02 14.61
N ILE B 291 6.11 -14.99 13.81
CA ILE B 291 6.21 -15.11 12.39
C ILE B 291 7.45 -14.50 11.80
N ARG B 292 8.11 -15.23 10.95
CA ARG B 292 9.25 -14.77 10.27
C ARG B 292 8.85 -14.45 8.89
N GLY B 293 9.28 -13.28 8.44
CA GLY B 293 9.02 -12.80 7.09
C GLY B 293 10.35 -12.83 6.37
N ARG B 294 10.44 -13.65 5.33
CA ARG B 294 11.66 -13.80 4.60
C ARG B 294 11.51 -13.26 3.21
N PRO B 295 12.47 -12.35 2.85
CA PRO B 295 12.32 -11.77 1.52
C PRO B 295 12.62 -12.72 0.46
N ALA B 296 12.18 -12.45 -0.71
CA ALA B 296 12.39 -13.34 -1.78
C ALA B 296 12.93 -12.70 -2.98
N LEU B 297 14.18 -12.88 -3.34
CA LEU B 297 15.17 -13.57 -2.64
C LEU B 297 14.79 -14.96 -2.19
N PHE C 16 -9.86 -22.52 -34.12
CA PHE C 16 -10.11 -22.00 -32.81
C PHE C 16 -11.17 -20.89 -32.80
N ALA C 17 -12.27 -21.12 -32.10
CA ALA C 17 -13.33 -20.13 -32.03
C ALA C 17 -13.19 -19.52 -30.74
N PHE C 18 -13.66 -18.30 -30.59
CA PHE C 18 -13.55 -17.61 -29.35
C PHE C 18 -14.61 -17.88 -28.32
N ASP C 19 -15.77 -18.37 -28.77
CA ASP C 19 -16.89 -18.68 -27.89
C ASP C 19 -17.49 -17.34 -27.52
N PRO C 20 -18.57 -16.95 -28.18
CA PRO C 20 -19.12 -15.64 -27.86
C PRO C 20 -20.02 -15.80 -26.69
N THR C 21 -20.00 -16.95 -26.11
CA THR C 21 -20.83 -17.10 -24.98
C THR C 21 -20.19 -16.51 -23.80
N ASP C 22 -18.88 -16.41 -23.77
CA ASP C 22 -18.14 -15.92 -22.63
C ASP C 22 -17.28 -14.75 -22.98
N PRO C 23 -17.96 -13.55 -23.03
CA PRO C 23 -17.15 -12.40 -23.42
C PRO C 23 -15.96 -12.00 -22.52
N TRP C 24 -16.05 -12.18 -21.23
CA TRP C 24 -14.91 -11.91 -20.36
C TRP C 24 -13.71 -12.75 -20.77
N THR C 25 -13.91 -14.05 -20.98
CA THR C 25 -12.82 -14.92 -21.39
C THR C 25 -12.32 -14.57 -22.78
N GLU C 26 -13.24 -14.28 -23.71
CA GLU C 26 -12.80 -13.88 -25.05
C GLU C 26 -11.94 -12.62 -24.98
N THR C 27 -12.34 -11.63 -24.18
CA THR C 27 -11.53 -10.42 -24.00
C THR C 27 -10.15 -10.76 -23.46
N PHE C 28 -10.09 -11.65 -22.46
CA PHE C 28 -8.83 -12.06 -21.86
C PHE C 28 -7.92 -12.70 -22.89
N GLN C 29 -8.48 -13.60 -23.69
CA GLN C 29 -7.65 -14.34 -24.63
C GLN C 29 -7.19 -13.45 -25.79
N ARG C 30 -8.08 -12.60 -26.29
CA ARG C 30 -7.66 -11.62 -27.29
C ARG C 30 -6.54 -10.74 -26.73
N GLY C 31 -6.64 -10.38 -25.45
CA GLY C 31 -5.56 -9.59 -24.83
C GLY C 31 -4.26 -10.35 -24.76
N LEU C 32 -4.29 -11.62 -24.46
CA LEU C 32 -3.10 -12.37 -24.38
C LEU C 32 -2.41 -12.53 -25.71
N GLU C 33 -3.18 -12.57 -26.77
CA GLU C 33 -2.67 -12.73 -28.09
C GLU C 33 -1.89 -11.49 -28.40
N ILE C 34 -2.42 -10.34 -28.01
CA ILE C 34 -1.78 -9.10 -28.19
C ILE C 34 -0.63 -8.85 -27.23
N ALA C 35 -0.52 -9.55 -26.14
CA ALA C 35 0.54 -9.31 -25.17
C ALA C 35 1.91 -9.72 -25.69
N GLY C 36 1.99 -10.57 -26.70
CA GLY C 36 3.28 -10.98 -27.20
C GLY C 36 3.95 -12.03 -26.35
N LEU C 37 3.30 -13.18 -26.20
CA LEU C 37 3.78 -14.25 -25.35
C LEU C 37 4.66 -15.25 -26.09
N GLY C 38 4.87 -15.05 -27.39
CA GLY C 38 5.62 -16.01 -28.18
C GLY C 38 7.03 -16.21 -27.68
N GLY C 39 7.42 -17.47 -27.46
CA GLY C 39 8.74 -17.75 -26.93
C GLY C 39 8.95 -17.37 -25.48
N LYS C 40 7.92 -16.87 -24.80
CA LYS C 40 8.02 -16.47 -23.40
C LYS C 40 7.67 -17.64 -22.49
N ARG C 41 7.95 -17.44 -21.22
N ARG C 41 7.99 -17.47 -21.22
CA ARG C 41 7.62 -18.35 -20.21
CA ARG C 41 7.57 -18.33 -20.21
C ARG C 41 6.56 -17.70 -19.37
C ARG C 41 6.51 -17.65 -19.43
N VAL C 42 5.41 -18.31 -19.23
CA VAL C 42 4.23 -17.65 -18.67
C VAL C 42 3.75 -18.44 -17.46
N TYR C 43 3.27 -17.72 -16.45
CA TYR C 43 2.58 -18.32 -15.31
C TYR C 43 1.17 -17.75 -15.25
N GLU C 44 0.17 -18.63 -15.23
CA GLU C 44 -1.21 -18.18 -15.08
C GLU C 44 -1.66 -18.46 -13.66
N VAL C 45 -2.18 -17.43 -12.99
CA VAL C 45 -2.80 -17.61 -11.67
C VAL C 45 -4.28 -17.99 -11.90
N GLY C 46 -4.67 -19.15 -11.40
CA GLY C 46 -6.03 -19.65 -11.59
C GLY C 46 -6.23 -20.32 -12.93
N ILE C 47 -5.54 -21.44 -13.17
CA ILE C 47 -5.58 -22.11 -14.47
C ILE C 47 -6.94 -22.72 -14.76
N GLY C 48 -7.73 -23.02 -13.74
CA GLY C 48 -8.98 -23.73 -13.98
C GLY C 48 -8.71 -25.06 -14.68
N THR C 49 -9.47 -25.33 -15.74
CA THR C 49 -9.26 -26.55 -16.50
C THR C 49 -8.22 -26.40 -17.59
N GLY C 50 -7.55 -25.25 -17.66
CA GLY C 50 -6.43 -25.08 -18.55
C GLY C 50 -6.77 -24.56 -19.92
N ILE C 51 -7.96 -23.98 -20.12
CA ILE C 51 -8.34 -23.49 -21.44
C ILE C 51 -7.42 -22.35 -21.87
N ASN C 52 -7.12 -21.43 -20.96
CA ASN C 52 -6.23 -20.33 -21.31
C ASN C 52 -4.81 -20.86 -21.52
N VAL C 53 -4.40 -21.85 -20.73
CA VAL C 53 -3.12 -22.51 -20.94
C VAL C 53 -3.02 -23.03 -22.37
N ALA C 54 -4.03 -23.81 -22.81
CA ALA C 54 -4.01 -24.33 -24.18
C ALA C 54 -4.02 -23.19 -25.20
N PHE C 55 -4.84 -22.15 -24.98
CA PHE C 55 -4.78 -20.98 -25.85
C PHE C 55 -3.38 -20.37 -25.92
N MET C 56 -2.74 -20.19 -24.77
CA MET C 56 -1.41 -19.58 -24.77
C MET C 56 -0.37 -20.47 -25.43
N LEU C 57 -0.52 -21.77 -25.36
CA LEU C 57 0.39 -22.61 -26.04
C LEU C 57 0.07 -22.72 -27.50
N GLN C 58 -1.15 -22.99 -27.86
CA GLN C 58 -1.46 -23.18 -29.26
C GLN C 58 -1.55 -21.93 -30.07
N ILE C 59 -2.17 -20.87 -29.62
CA ILE C 59 -2.27 -19.69 -30.40
C ILE C 59 -1.21 -18.68 -30.17
N CYS C 60 -0.84 -18.46 -28.95
CA CYS C 60 0.17 -17.47 -28.60
C CYS C 60 1.59 -17.97 -28.82
N GLU C 61 1.79 -19.29 -28.76
CA GLU C 61 3.09 -19.92 -29.00
C GLU C 61 4.09 -19.58 -27.90
N ALA C 62 3.63 -19.63 -26.65
CA ALA C 62 4.53 -19.42 -25.52
C ALA C 62 5.49 -20.60 -25.39
N ALA C 63 6.76 -20.30 -25.10
CA ALA C 63 7.76 -21.35 -24.99
C ALA C 63 7.40 -22.31 -23.88
N LEU C 64 6.92 -21.79 -22.76
CA LEU C 64 6.62 -22.59 -21.59
C LEU C 64 5.48 -21.92 -20.83
N VAL C 65 4.53 -22.71 -20.35
CA VAL C 65 3.42 -22.21 -19.55
C VAL C 65 3.37 -23.02 -18.26
N SER C 66 3.27 -22.31 -17.14
CA SER C 66 3.04 -22.94 -15.85
C SER C 66 1.85 -22.25 -15.21
N GLY C 67 1.45 -22.72 -14.04
CA GLY C 67 0.34 -22.10 -13.36
C GLY C 67 -0.19 -23.00 -12.27
N SER C 68 -1.18 -22.47 -11.55
CA SER C 68 -1.75 -23.15 -10.40
C SER C 68 -3.18 -22.64 -10.21
N ASP C 69 -3.86 -23.25 -9.24
CA ASP C 69 -5.23 -22.89 -8.96
C ASP C 69 -5.47 -23.09 -7.47
N LEU C 70 -6.44 -22.35 -6.94
CA LEU C 70 -6.77 -22.47 -5.52
C LEU C 70 -7.37 -23.83 -5.19
N ASP C 71 -8.10 -24.40 -6.15
CA ASP C 71 -8.68 -25.73 -6.04
C ASP C 71 -7.62 -26.76 -6.35
N PRO C 72 -7.20 -27.57 -5.38
CA PRO C 72 -6.12 -28.53 -5.64
C PRO C 72 -6.48 -29.56 -6.69
N ARG C 73 -7.76 -29.77 -6.97
CA ARG C 73 -8.16 -30.81 -7.91
C ARG C 73 -8.02 -30.37 -9.36
N LEU C 74 -7.71 -29.10 -9.62
CA LEU C 74 -7.77 -28.58 -10.98
C LEU C 74 -6.49 -28.81 -11.77
N ALA C 75 -5.32 -28.79 -11.12
CA ALA C 75 -4.07 -28.98 -11.85
C ALA C 75 -4.06 -30.32 -12.54
N GLY C 76 -4.43 -31.39 -11.82
CA GLY C 76 -4.53 -32.69 -12.44
C GLY C 76 -5.52 -32.71 -13.59
N LEU C 77 -6.72 -32.17 -13.35
CA LEU C 77 -7.72 -32.08 -14.41
C LEU C 77 -7.23 -31.20 -15.56
N ALA C 78 -6.64 -30.05 -15.25
CA ALA C 78 -6.12 -29.19 -16.32
C ALA C 78 -5.08 -29.92 -17.13
N GLU C 79 -4.25 -30.74 -16.48
CA GLU C 79 -3.20 -31.46 -17.18
C GLU C 79 -3.79 -32.42 -18.21
N ARG C 80 -4.80 -33.18 -17.85
CA ARG C 80 -5.42 -34.06 -18.81
C ARG C 80 -5.99 -33.25 -19.94
N ASN C 81 -6.78 -32.26 -19.62
CA ASN C 81 -7.43 -31.42 -20.59
C ASN C 81 -6.61 -30.76 -21.59
N VAL C 82 -5.50 -30.18 -21.23
CA VAL C 82 -4.67 -29.55 -22.26
C VAL C 82 -4.06 -30.61 -23.17
N ARG C 83 -3.81 -31.82 -22.64
CA ARG C 83 -3.39 -32.94 -23.47
C ARG C 83 -4.36 -33.15 -24.63
N ASP C 84 -5.64 -33.13 -24.37
CA ASP C 84 -6.60 -33.24 -25.43
C ASP C 84 -6.71 -32.02 -26.22
N LEU C 85 -6.71 -30.88 -25.60
CA LEU C 85 -6.92 -29.63 -26.33
C LEU C 85 -5.73 -29.27 -27.20
N ALA C 86 -4.52 -29.62 -26.77
CA ALA C 86 -3.30 -29.19 -27.45
C ALA C 86 -2.28 -30.33 -27.44
N PRO C 87 -2.61 -31.47 -28.06
CA PRO C 87 -1.80 -32.69 -27.86
C PRO C 87 -0.34 -32.52 -28.21
N ARG C 88 -0.05 -31.77 -29.28
CA ARG C 88 1.32 -31.55 -29.70
C ARG C 88 2.14 -30.89 -28.60
N ARG C 89 1.86 -29.60 -28.34
CA ARG C 89 2.55 -28.85 -27.30
C ARG C 89 1.85 -28.93 -25.95
N ALA C 90 1.33 -30.10 -25.57
CA ALA C 90 0.65 -30.24 -24.28
C ALA C 90 1.62 -30.34 -23.12
N ASP C 91 2.75 -31.02 -23.31
CA ASP C 91 3.90 -30.60 -22.54
C ASP C 91 4.37 -29.27 -23.11
N ARG C 92 5.28 -28.62 -22.38
CA ARG C 92 5.50 -27.17 -22.33
C ARG C 92 4.55 -26.61 -21.28
N PHE C 93 3.75 -27.45 -20.65
CA PHE C 93 2.86 -27.03 -19.62
C PHE C 93 3.17 -27.74 -18.38
N HIS C 94 3.71 -27.07 -17.38
CA HIS C 94 4.04 -27.75 -16.14
C HIS C 94 3.29 -27.07 -15.01
N PRO C 95 2.16 -27.64 -14.61
CA PRO C 95 1.44 -26.99 -13.55
C PRO C 95 2.00 -27.24 -12.20
N VAL C 96 1.75 -26.37 -11.26
CA VAL C 96 2.14 -26.49 -9.89
C VAL C 96 0.96 -27.06 -9.14
N GLU C 97 1.19 -28.07 -8.37
CA GLU C 97 0.16 -28.77 -7.66
C GLU C 97 -0.13 -28.27 -6.33
N GLY C 98 -1.27 -28.62 -5.83
CA GLY C 98 -1.69 -28.19 -4.54
C GLY C 98 -2.67 -27.08 -4.59
N ALA C 99 -3.20 -26.76 -3.46
CA ALA C 99 -4.10 -25.70 -3.31
C ALA C 99 -3.31 -24.42 -3.17
N VAL C 100 -3.12 -23.76 -4.27
CA VAL C 100 -2.36 -22.58 -4.32
C VAL C 100 -3.11 -21.28 -4.42
N SER C 101 -3.18 -20.54 -3.35
CA SER C 101 -3.81 -19.23 -3.38
C SER C 101 -2.82 -18.22 -3.95
N LEU C 102 -3.25 -17.51 -5.00
CA LEU C 102 -2.37 -16.63 -5.78
C LEU C 102 -1.13 -17.48 -6.07
N ILE C 103 0.06 -17.06 -5.61
CA ILE C 103 1.23 -17.90 -5.80
C ILE C 103 1.91 -18.33 -4.51
N ASP C 104 1.11 -18.61 -3.48
CA ASP C 104 1.66 -18.67 -2.11
C ASP C 104 2.12 -20.07 -1.69
N THR C 105 2.95 -20.72 -2.50
CA THR C 105 3.69 -21.89 -2.09
C THR C 105 5.10 -21.77 -2.65
N PRO C 106 6.07 -22.45 -2.04
CA PRO C 106 7.46 -22.35 -2.55
C PRO C 106 7.60 -22.84 -3.98
N GLU C 107 6.86 -23.87 -4.37
CA GLU C 107 6.91 -24.32 -5.77
C GLU C 107 6.33 -23.26 -6.71
N ALA C 108 5.21 -22.66 -6.34
CA ALA C 108 4.62 -21.62 -7.18
C ALA C 108 5.55 -20.42 -7.29
N ARG C 109 6.07 -19.95 -6.15
CA ARG C 109 6.97 -18.80 -6.17
C ARG C 109 8.19 -19.08 -7.02
N ALA C 110 8.75 -20.29 -6.89
CA ALA C 110 9.93 -20.67 -7.67
C ALA C 110 9.64 -20.60 -9.16
N GLN C 111 8.45 -21.06 -9.58
CA GLN C 111 8.11 -20.98 -10.99
C GLN C 111 7.84 -19.55 -11.43
N VAL C 112 7.17 -18.78 -10.59
CA VAL C 112 6.89 -17.38 -10.92
C VAL C 112 8.20 -16.60 -11.08
N GLY C 113 9.18 -16.86 -10.20
CA GLY C 113 10.48 -16.20 -10.30
C GLY C 113 11.18 -16.46 -11.62
N ARG C 114 10.88 -17.59 -12.27
CA ARG C 114 11.47 -17.94 -13.55
C ARG C 114 10.61 -17.51 -14.74
N SER C 115 9.53 -16.77 -14.53
CA SER C 115 8.62 -16.44 -15.62
C SER C 115 8.86 -15.04 -16.14
N ASP C 116 8.60 -14.85 -17.45
CA ASP C 116 8.66 -13.54 -18.07
C ASP C 116 7.37 -12.77 -17.91
N VAL C 117 6.24 -13.48 -17.81
CA VAL C 117 4.91 -12.87 -17.78
C VAL C 117 4.06 -13.67 -16.80
N ILE C 118 3.35 -12.99 -15.91
CA ILE C 118 2.32 -13.60 -15.08
C ILE C 118 0.98 -13.07 -15.56
N VAL C 119 0.04 -13.97 -15.85
CA VAL C 119 -1.27 -13.62 -16.37
C VAL C 119 -2.34 -14.15 -15.44
N GLY C 120 -3.51 -13.52 -15.51
CA GLY C 120 -4.61 -13.90 -14.64
C GLY C 120 -5.89 -13.17 -14.94
N CYS C 121 -6.99 -13.91 -14.84
CA CYS C 121 -8.34 -13.36 -14.82
C CYS C 121 -8.93 -13.72 -13.46
N LEU C 122 -8.81 -12.81 -12.52
CA LEU C 122 -8.98 -13.11 -11.11
C LEU C 122 -10.31 -12.58 -10.58
N PRO C 123 -10.87 -13.26 -9.55
CA PRO C 123 -12.07 -12.76 -8.85
C PRO C 123 -12.04 -11.26 -8.55
N GLN C 124 -13.18 -10.61 -8.71
CA GLN C 124 -13.27 -9.17 -8.50
C GLN C 124 -14.74 -8.79 -8.38
N VAL C 125 -15.01 -7.73 -7.62
CA VAL C 125 -16.36 -7.19 -7.62
C VAL C 125 -16.70 -6.71 -9.02
N GLY C 126 -17.87 -7.10 -9.52
CA GLY C 126 -18.27 -6.81 -10.89
C GLY C 126 -18.08 -7.96 -11.87
N GLU C 127 -17.42 -9.04 -11.46
CA GLU C 127 -17.37 -10.25 -12.27
C GLU C 127 -18.79 -10.71 -12.60
N PRO C 128 -18.97 -11.48 -13.66
CA PRO C 128 -20.32 -11.97 -13.99
C PRO C 128 -20.87 -12.82 -12.85
N ASP C 129 -22.15 -12.58 -12.54
CA ASP C 129 -22.79 -13.26 -11.42
C ASP C 129 -22.79 -14.77 -11.59
N ASP C 130 -22.73 -15.26 -12.83
CA ASP C 130 -22.75 -16.70 -13.05
C ASP C 130 -21.35 -17.30 -13.15
N VAL C 131 -20.33 -16.60 -12.63
CA VAL C 131 -18.96 -17.04 -12.91
C VAL C 131 -18.65 -18.33 -12.18
N ARG C 132 -19.14 -18.48 -10.95
CA ARG C 132 -18.87 -19.70 -10.19
C ARG C 132 -19.62 -20.90 -10.77
N LEU C 133 -20.86 -20.68 -11.23
CA LEU C 133 -21.59 -21.80 -11.85
C LEU C 133 -20.92 -22.22 -13.14
N ARG C 134 -20.41 -21.25 -13.92
CA ARG C 134 -19.72 -21.60 -15.16
C ARG C 134 -18.45 -22.39 -14.89
N ALA C 135 -17.66 -22.00 -13.89
CA ALA C 135 -16.47 -22.76 -13.54
C ALA C 135 -16.83 -24.17 -13.08
N PHE C 136 -17.89 -24.29 -12.27
CA PHE C 136 -18.36 -25.62 -11.85
C PHE C 136 -18.67 -26.49 -13.06
N ARG C 137 -19.50 -25.97 -13.97
CA ARG C 137 -19.90 -26.75 -15.14
C ARG C 137 -18.71 -27.07 -16.04
N THR C 138 -17.75 -26.14 -16.15
CA THR C 138 -16.59 -26.39 -17.00
C THR C 138 -15.73 -27.52 -16.45
N ALA C 139 -15.50 -27.54 -15.15
CA ALA C 139 -14.74 -28.63 -14.55
C ALA C 139 -15.44 -29.98 -14.73
N GLN C 140 -16.73 -30.07 -14.40
CA GLN C 140 -17.34 -31.39 -14.52
C GLN C 140 -17.45 -31.84 -15.98
N ALA C 141 -17.63 -30.91 -16.92
CA ALA C 141 -17.51 -31.26 -18.33
C ALA C 141 -16.13 -31.83 -18.64
N ALA C 142 -15.07 -31.19 -18.11
CA ALA C 142 -13.70 -31.66 -18.36
C ALA C 142 -13.47 -33.03 -17.75
N ALA C 143 -13.95 -33.24 -16.51
CA ALA C 143 -13.77 -34.55 -15.88
C ALA C 143 -14.55 -35.63 -16.62
N LEU C 144 -15.61 -35.27 -17.32
CA LEU C 144 -16.35 -36.29 -18.06
C LEU C 144 -15.64 -36.63 -19.37
N ALA C 145 -15.08 -35.63 -20.05
CA ALA C 145 -14.29 -35.89 -21.25
C ALA C 145 -13.05 -36.72 -20.93
N ALA C 146 -12.53 -36.62 -19.69
CA ALA C 146 -11.41 -37.43 -19.24
C ALA C 146 -11.83 -38.84 -18.86
N GLY C 147 -13.13 -39.15 -18.86
CA GLY C 147 -13.60 -40.50 -18.60
C GLY C 147 -13.93 -40.83 -17.16
N ALA C 148 -14.24 -39.83 -16.33
CA ALA C 148 -14.60 -40.06 -14.94
C ALA C 148 -16.05 -39.64 -14.72
N ASP C 149 -16.86 -40.55 -14.17
CA ASP C 149 -18.21 -40.23 -13.70
C ASP C 149 -18.09 -40.01 -12.20
N THR C 150 -18.13 -38.74 -11.80
CA THR C 150 -17.81 -38.30 -10.45
C THR C 150 -19.05 -37.79 -9.74
N ARG C 151 -18.93 -37.57 -8.46
CA ARG C 151 -19.94 -36.91 -7.75
C ARG C 151 -19.74 -35.42 -8.07
N ASP C 152 -20.65 -34.58 -7.60
CA ASP C 152 -20.57 -33.13 -7.78
C ASP C 152 -19.53 -32.57 -6.79
N GLU C 153 -18.26 -32.87 -7.09
CA GLU C 153 -17.11 -32.48 -6.32
C GLU C 153 -16.27 -31.60 -7.20
N ASP C 154 -16.95 -30.90 -8.02
CA ASP C 154 -16.29 -30.07 -8.87
C ASP C 154 -16.56 -28.66 -8.31
N HIS C 155 -16.87 -28.51 -7.03
CA HIS C 155 -16.98 -27.15 -6.44
C HIS C 155 -16.26 -26.88 -5.22
N ILE C 156 -15.42 -25.90 -5.32
CA ILE C 156 -14.56 -25.46 -4.27
C ILE C 156 -15.34 -24.88 -3.20
N ALA C 157 -15.02 -25.19 -1.96
CA ALA C 157 -15.87 -24.61 -0.94
C ALA C 157 -15.22 -23.44 -0.28
N HIS C 158 -15.58 -23.24 0.96
CA HIS C 158 -14.95 -22.15 1.58
C HIS C 158 -13.45 -22.13 1.72
N TYR C 159 -13.03 -21.10 1.05
CA TYR C 159 -11.73 -20.60 0.89
C TYR C 159 -12.38 -19.83 -0.21
N TYR C 160 -11.64 -19.26 -1.15
CA TYR C 160 -12.12 -18.28 -2.10
C TYR C 160 -12.23 -17.11 -1.04
N PRO C 161 -11.16 -16.95 -0.16
CA PRO C 161 -11.39 -16.00 0.92
C PRO C 161 -11.25 -14.63 0.48
N TRP C 162 -11.89 -13.75 1.19
CA TRP C 162 -11.90 -12.42 0.81
C TRP C 162 -11.43 -11.66 1.98
N ALA C 163 -11.55 -12.20 3.13
CA ALA C 163 -11.20 -11.34 4.25
C ALA C 163 -9.81 -10.83 4.37
N GLU C 164 -8.83 -11.64 4.10
CA GLU C 164 -7.47 -11.16 4.26
C GLU C 164 -7.10 -10.12 3.22
N PHE C 165 -7.86 -10.02 2.14
CA PHE C 165 -7.61 -9.02 1.11
C PHE C 165 -8.38 -7.73 1.36
N ASP C 166 -9.07 -7.64 2.50
CA ASP C 166 -9.97 -6.52 2.73
C ASP C 166 -9.25 -5.23 3.06
N SER C 167 -7.99 -5.31 3.51
CA SER C 167 -7.27 -4.11 3.90
C SER C 167 -6.67 -3.38 2.71
N TYR C 168 -6.66 -3.98 1.54
CA TYR C 168 -5.93 -3.40 0.42
C TYR C 168 -6.57 -2.10 -0.03
N PRO C 169 -5.79 -1.04 -0.25
CA PRO C 169 -6.33 0.22 -0.79
C PRO C 169 -7.32 0.03 -1.92
N PHE C 170 -7.00 -0.80 -2.90
CA PHE C 170 -7.89 -0.95 -4.03
C PHE C 170 -9.01 -1.96 -3.78
N ASN C 171 -9.11 -2.53 -2.57
CA ASN C 171 -10.31 -3.27 -2.26
C ASN C 171 -11.52 -2.34 -2.19
N SER C 172 -11.32 -1.05 -1.91
CA SER C 172 -12.42 -0.09 -1.93
C SER C 172 -13.11 -0.01 -3.28
N VAL C 173 -12.48 -0.45 -4.37
CA VAL C 173 -13.14 -0.57 -5.66
C VAL C 173 -13.24 -2.02 -6.11
N GLY C 174 -13.16 -2.97 -5.17
CA GLY C 174 -13.46 -4.35 -5.48
C GLY C 174 -12.32 -5.16 -6.06
N LEU C 175 -11.08 -4.67 -5.99
CA LEU C 175 -9.95 -5.26 -6.68
C LEU C 175 -8.85 -5.65 -5.71
N GLY C 176 -9.22 -5.94 -4.46
CA GLY C 176 -8.22 -6.26 -3.46
C GLY C 176 -7.38 -7.46 -3.83
N LEU C 177 -8.00 -8.49 -4.39
CA LEU C 177 -7.28 -9.71 -4.76
C LEU C 177 -6.24 -9.41 -5.84
N ASN C 178 -6.59 -8.55 -6.79
CA ASN C 178 -5.66 -8.21 -7.86
C ASN C 178 -4.48 -7.43 -7.32
N GLU C 179 -4.73 -6.50 -6.38
CA GLU C 179 -3.62 -5.77 -5.77
C GLU C 179 -2.74 -6.70 -4.95
N ALA C 180 -3.35 -7.66 -4.26
CA ALA C 180 -2.58 -8.66 -3.52
C ALA C 180 -1.62 -9.39 -4.43
N LEU C 181 -2.07 -9.75 -5.63
CA LEU C 181 -1.18 -10.43 -6.58
C LEU C 181 -0.02 -9.54 -6.95
N LEU C 182 -0.29 -8.25 -7.23
CA LEU C 182 0.76 -7.32 -7.67
C LEU C 182 1.85 -7.15 -6.60
N ARG C 183 1.47 -7.14 -5.32
CA ARG C 183 2.43 -7.12 -4.23
C ARG C 183 3.37 -8.32 -4.30
N ARG C 184 2.85 -9.47 -4.74
CA ARG C 184 3.61 -10.70 -4.76
C ARG C 184 4.47 -10.78 -6.01
N THR C 185 3.93 -10.37 -7.16
CA THR C 185 4.68 -10.48 -8.39
C THR C 185 5.87 -9.52 -8.39
N ARG C 186 5.68 -8.30 -7.89
CA ARG C 186 6.78 -7.34 -7.81
C ARG C 186 7.94 -7.90 -6.99
N ALA C 187 7.65 -8.55 -5.86
CA ALA C 187 8.69 -9.07 -4.97
C ALA C 187 9.37 -10.30 -5.56
N THR C 188 8.58 -11.23 -6.09
CA THR C 188 9.07 -12.54 -6.49
C THR C 188 9.61 -12.55 -7.92
N ALA C 189 9.07 -11.72 -8.80
CA ALA C 189 9.55 -11.64 -10.18
C ALA C 189 9.59 -10.17 -10.60
N PRO C 190 10.58 -9.42 -10.07
CA PRO C 190 10.57 -7.95 -10.26
C PRO C 190 10.68 -7.50 -11.72
N ALA C 191 11.13 -8.35 -12.63
CA ALA C 191 11.28 -8.00 -14.04
C ALA C 191 10.12 -8.45 -14.92
N ALA C 192 9.18 -9.24 -14.42
CA ALA C 192 8.15 -9.84 -15.28
C ALA C 192 6.96 -8.92 -15.52
N ASP C 193 6.42 -8.97 -16.74
CA ASP C 193 5.12 -8.37 -17.01
C ASP C 193 4.03 -9.09 -16.21
N VAL C 194 2.95 -8.36 -15.89
CA VAL C 194 1.75 -8.94 -15.28
C VAL C 194 0.55 -8.48 -16.11
N VAL C 195 -0.20 -9.44 -16.66
CA VAL C 195 -1.28 -9.16 -17.60
C VAL C 195 -2.58 -9.65 -16.96
N LEU C 196 -3.49 -8.72 -16.64
CA LEU C 196 -4.72 -9.06 -15.93
C LEU C 196 -5.96 -8.56 -16.65
N ASN C 197 -7.06 -9.28 -16.44
CA ASN C 197 -8.36 -8.96 -17.02
C ASN C 197 -9.21 -8.22 -16.00
N PHE C 198 -9.90 -7.17 -16.46
CA PHE C 198 -10.65 -6.33 -15.55
C PHE C 198 -12.02 -5.97 -16.12
N GLY C 199 -13.04 -6.00 -15.26
CA GLY C 199 -14.24 -5.25 -15.51
C GLY C 199 -13.97 -3.80 -15.18
N ALA C 200 -14.22 -2.94 -16.12
CA ALA C 200 -13.94 -1.56 -16.01
C ALA C 200 -14.96 -0.58 -15.55
N ARG C 201 -15.95 -1.07 -14.81
CA ARG C 201 -17.00 -0.22 -14.27
C ARG C 201 -16.47 0.88 -13.35
N VAL C 202 -15.34 0.67 -12.69
CA VAL C 202 -14.81 1.69 -11.81
C VAL C 202 -13.95 2.73 -12.53
N GLY C 203 -13.70 2.55 -13.82
CA GLY C 203 -13.03 3.55 -14.66
C GLY C 203 -11.63 3.12 -15.04
N SER C 204 -11.21 3.47 -16.26
CA SER C 204 -9.87 3.14 -16.71
C SER C 204 -8.80 3.81 -15.85
N ALA C 205 -9.04 5.06 -15.40
CA ALA C 205 -8.04 5.76 -14.61
C ALA C 205 -7.78 5.03 -13.30
N VAL C 206 -8.84 4.46 -12.68
CA VAL C 206 -8.67 3.72 -11.44
C VAL C 206 -7.90 2.42 -11.70
N LEU C 207 -8.24 1.71 -12.77
CA LEU C 207 -7.49 0.51 -13.15
C LEU C 207 -6.02 0.81 -13.39
N PHE C 208 -5.70 1.96 -14.01
CA PHE C 208 -4.29 2.30 -14.24
C PHE C 208 -3.58 2.63 -12.93
N GLU C 209 -4.27 3.31 -12.01
CA GLU C 209 -3.66 3.63 -10.73
C GLU C 209 -3.32 2.36 -9.94
N LEU C 210 -4.14 1.31 -10.08
CA LEU C 210 -3.83 0.05 -9.42
C LEU C 210 -2.43 -0.41 -9.78
N PHE C 211 -2.04 -0.25 -11.04
CA PHE C 211 -0.71 -0.67 -11.44
C PHE C 211 0.36 0.34 -11.01
N GLU C 212 0.10 1.63 -11.26
CA GLU C 212 1.07 2.68 -10.94
C GLU C 212 1.37 2.71 -9.44
N ALA C 213 0.34 2.54 -8.61
CA ALA C 213 0.52 2.51 -7.16
C ALA C 213 1.41 1.36 -6.71
N ASN C 214 1.61 0.36 -7.56
CA ASN C 214 2.28 -0.86 -7.15
C ASN C 214 3.49 -1.20 -8.00
N GLY C 215 4.06 -0.22 -8.69
CA GLY C 215 5.35 -0.38 -9.33
C GLY C 215 5.33 -0.69 -10.81
N TYR C 216 4.18 -0.57 -11.48
CA TYR C 216 4.05 -1.02 -12.85
C TYR C 216 3.52 0.13 -13.69
N VAL C 217 3.94 0.18 -14.94
CA VAL C 217 3.38 1.10 -15.93
C VAL C 217 2.32 0.32 -16.70
N PRO C 218 1.06 0.74 -16.66
CA PRO C 218 -0.01 -0.04 -17.30
C PRO C 218 -0.12 0.32 -18.77
N GLU C 219 -0.39 -0.71 -19.57
CA GLU C 219 -0.87 -0.52 -20.95
C GLU C 219 -2.13 -1.34 -21.16
N LYS C 220 -3.17 -0.72 -21.71
CA LYS C 220 -4.39 -1.45 -22.05
C LYS C 220 -4.18 -2.18 -23.36
N LEU C 221 -4.09 -3.52 -23.31
CA LEU C 221 -3.86 -4.30 -24.52
C LEU C 221 -5.12 -4.43 -25.39
N HIS C 222 -6.26 -4.72 -24.77
CA HIS C 222 -7.46 -5.01 -25.53
C HIS C 222 -8.67 -4.68 -24.66
N SER C 223 -9.77 -4.30 -25.30
CA SER C 223 -10.99 -4.03 -24.55
C SER C 223 -12.20 -4.37 -25.40
N GLN C 224 -13.29 -4.72 -24.73
CA GLN C 224 -14.54 -5.07 -25.36
C GLN C 224 -15.67 -4.54 -24.50
N ILE C 225 -16.73 -4.12 -25.16
CA ILE C 225 -17.98 -3.79 -24.52
C ILE C 225 -18.80 -5.07 -24.40
N VAL C 226 -19.32 -5.34 -23.21
CA VAL C 226 -20.01 -6.59 -22.95
C VAL C 226 -21.31 -6.26 -22.26
N LEU C 227 -22.30 -7.13 -22.44
CA LEU C 227 -23.62 -6.91 -21.87
C LEU C 227 -23.67 -7.59 -20.52
N GLN C 228 -24.09 -6.84 -19.50
CA GLN C 228 -24.19 -7.41 -18.17
C GLN C 228 -25.56 -8.08 -18.02
N HIS C 229 -25.56 -9.20 -17.33
CA HIS C 229 -26.78 -9.99 -17.21
C HIS C 229 -27.89 -9.17 -16.57
N ALA C 230 -29.13 -9.49 -16.94
CA ALA C 230 -30.26 -8.66 -16.55
C ALA C 230 -30.36 -8.51 -15.02
N GLY C 231 -30.19 -9.60 -14.28
CA GLY C 231 -30.36 -9.54 -12.84
C GLY C 231 -29.15 -9.09 -12.04
N THR C 232 -28.16 -8.48 -12.70
CA THR C 232 -26.92 -8.09 -12.04
C THR C 232 -27.15 -6.92 -11.09
N ASP C 233 -26.90 -7.11 -9.80
CA ASP C 233 -26.95 -6.00 -8.85
C ASP C 233 -25.73 -5.11 -9.07
N ILE C 234 -25.95 -3.80 -9.09
CA ILE C 234 -24.88 -2.83 -9.31
C ILE C 234 -24.92 -1.74 -8.25
N SER C 235 -25.54 -2.02 -7.11
CA SER C 235 -25.58 -1.03 -6.05
C SER C 235 -24.21 -0.77 -5.45
N PHE C 236 -23.27 -1.71 -5.60
CA PHE C 236 -21.90 -1.45 -5.18
C PHE C 236 -21.34 -0.24 -5.94
N PHE C 237 -21.56 -0.20 -7.26
CA PHE C 237 -21.00 0.86 -8.07
C PHE C 237 -21.76 2.17 -7.86
N VAL C 238 -23.06 2.08 -7.57
CA VAL C 238 -23.82 3.27 -7.24
C VAL C 238 -23.29 3.89 -5.95
N ALA C 239 -23.05 3.05 -4.93
CA ALA C 239 -22.50 3.54 -3.68
C ALA C 239 -21.13 4.18 -3.87
N LEU C 240 -20.32 3.68 -4.82
CA LEU C 240 -19.04 4.33 -5.07
C LEU C 240 -19.25 5.78 -5.50
N GLU C 241 -20.30 6.04 -6.26
CA GLU C 241 -20.59 7.39 -6.75
C GLU C 241 -21.13 8.31 -5.67
N ASN C 242 -21.67 7.76 -4.57
CA ASN C 242 -22.16 8.57 -3.47
C ASN C 242 -21.23 8.59 -2.26
N ALA C 243 -20.15 7.83 -2.26
CA ALA C 243 -19.30 7.75 -1.09
C ALA C 243 -18.43 9.00 -0.96
N LEU C 244 -18.01 9.29 0.25
CA LEU C 244 -17.08 10.37 0.50
C LEU C 244 -15.65 9.88 0.31
N ALA C 245 -14.72 10.83 0.13
CA ALA C 245 -13.32 10.45 0.07
C ALA C 245 -12.87 9.93 1.43
N GLN C 246 -11.64 9.54 1.57
CA GLN C 246 -11.15 9.09 2.85
C GLN C 246 -11.12 10.23 3.82
N THR C 247 -11.11 11.42 3.26
CA THR C 247 -11.04 12.60 4.02
C THR C 247 -12.35 12.98 4.57
N GLY C 248 -13.41 12.39 4.09
CA GLY C 248 -14.71 12.75 4.56
C GLY C 248 -15.23 13.92 3.78
N LEU C 249 -14.56 14.31 2.74
CA LEU C 249 -15.01 15.39 1.92
C LEU C 249 -15.68 14.79 0.74
N GLU C 250 -16.42 15.56 -0.03
CA GLU C 250 -17.12 15.03 -1.17
C GLU C 250 -16.15 14.69 -2.19
N ARG C 251 -16.49 13.73 -3.01
CA ARG C 251 -15.57 13.19 -4.00
C ARG C 251 -16.29 13.09 -5.34
N GLU C 252 -15.56 13.37 -6.42
CA GLU C 252 -16.08 13.06 -7.74
C GLU C 252 -15.62 11.65 -8.09
N PHE C 253 -16.58 10.80 -8.45
CA PHE C 253 -16.32 9.42 -8.84
C PHE C 253 -17.50 9.00 -9.70
N THR C 254 -17.23 8.70 -10.96
CA THR C 254 -18.28 8.28 -11.90
C THR C 254 -17.87 6.96 -12.51
N CYS C 255 -18.74 5.96 -12.38
CA CYS C 255 -18.49 4.64 -12.95
C CYS C 255 -18.79 4.65 -14.45
N GLU C 256 -18.19 3.71 -15.16
CA GLU C 256 -18.31 3.63 -16.62
C GLU C 256 -19.24 2.47 -16.97
N PHE C 257 -20.50 2.79 -17.25
CA PHE C 257 -21.43 1.90 -17.93
C PHE C 257 -21.74 2.48 -19.31
N TYR C 258 -22.41 1.69 -20.13
CA TYR C 258 -22.84 2.16 -21.44
C TYR C 258 -24.25 1.67 -21.73
N GLY C 259 -24.90 2.32 -22.70
CA GLY C 259 -26.26 1.97 -23.04
C GLY C 259 -26.37 1.20 -24.35
N ASP C 260 -25.30 1.22 -25.14
CA ASP C 260 -25.26 0.60 -26.45
C ASP C 260 -24.06 -0.32 -26.54
N PRO C 261 -24.17 -1.46 -27.25
CA PRO C 261 -23.04 -2.41 -27.33
C PRO C 261 -21.83 -1.87 -28.07
N GLU C 262 -21.91 -0.69 -28.68
CA GLU C 262 -20.73 -0.10 -29.27
C GLU C 262 -20.00 0.81 -28.30
N GLY C 263 -20.61 1.12 -27.16
CA GLY C 263 -19.98 2.00 -26.19
C GLY C 263 -20.02 3.47 -26.54
N ALA C 264 -21.07 3.93 -27.23
CA ALA C 264 -21.19 5.33 -27.61
C ALA C 264 -21.97 6.15 -26.59
N THR C 265 -23.05 5.58 -26.05
CA THR C 265 -23.83 6.21 -24.98
C THR C 265 -23.20 5.84 -23.62
N ARG C 266 -22.67 6.80 -22.90
CA ARG C 266 -22.11 6.63 -21.58
C ARG C 266 -23.14 6.74 -20.54
N LEU C 267 -22.94 6.11 -19.42
CA LEU C 267 -23.93 6.04 -18.35
C LEU C 267 -23.20 5.94 -17.02
N SER C 268 -23.65 6.72 -16.05
CA SER C 268 -23.17 6.56 -14.69
C SER C 268 -23.82 5.33 -14.06
N ALA C 269 -23.29 4.90 -12.91
CA ALA C 269 -23.94 3.81 -12.19
C ALA C 269 -25.33 4.23 -11.72
N THR C 270 -25.43 5.47 -11.19
CA THR C 270 -26.72 6.03 -10.83
C THR C 270 -27.66 6.08 -12.04
N GLU C 271 -27.15 6.58 -13.17
CA GLU C 271 -27.94 6.58 -14.41
C GLU C 271 -28.30 5.16 -14.84
N ALA C 272 -27.32 4.26 -14.82
CA ALA C 272 -27.57 2.87 -15.20
C ALA C 272 -28.69 2.27 -14.36
N GLN C 273 -28.59 2.41 -13.02
CA GLN C 273 -29.59 1.82 -12.15
C GLN C 273 -30.96 2.45 -12.34
N ALA C 274 -31.01 3.70 -12.81
CA ALA C 274 -32.30 4.33 -13.08
C ALA C 274 -33.06 3.57 -14.17
N LEU C 275 -32.40 3.31 -15.30
CA LEU C 275 -33.06 2.64 -16.42
C LEU C 275 -33.65 1.30 -15.99
N VAL C 276 -32.86 0.47 -15.32
CA VAL C 276 -33.39 -0.82 -14.89
C VAL C 276 -34.49 -0.65 -13.84
N ASP C 277 -34.50 0.47 -13.11
CA ASP C 277 -35.66 0.78 -12.29
C ASP C 277 -36.87 1.12 -13.14
N THR C 278 -36.66 1.86 -14.23
CA THR C 278 -37.70 2.16 -15.21
C THR C 278 -38.10 0.89 -15.95
N ASP C 279 -37.21 0.42 -16.82
CA ASP C 279 -37.41 -0.75 -17.67
C ASP C 279 -36.49 -1.83 -17.13
N SER C 280 -37.07 -2.79 -16.39
CA SER C 280 -36.24 -3.80 -15.74
C SER C 280 -35.47 -4.63 -16.76
N ALA C 281 -35.96 -4.65 -17.97
CA ALA C 281 -35.32 -5.36 -19.03
C ALA C 281 -34.25 -4.59 -19.77
N ALA C 282 -34.04 -3.34 -19.44
CA ALA C 282 -33.07 -2.56 -20.16
C ALA C 282 -31.71 -3.17 -20.23
N GLU C 283 -31.02 -2.92 -21.30
CA GLU C 283 -29.72 -3.45 -21.47
C GLU C 283 -28.70 -2.53 -21.02
N ILE C 284 -27.76 -3.05 -20.29
CA ILE C 284 -26.74 -2.23 -19.75
C ILE C 284 -25.44 -2.86 -19.98
N TYR C 285 -24.49 -2.08 -20.43
CA TYR C 285 -23.20 -2.63 -20.82
C TYR C 285 -22.08 -2.01 -19.99
N HIS C 286 -20.91 -2.63 -20.08
CA HIS C 286 -19.70 -2.08 -19.48
C HIS C 286 -18.50 -2.61 -20.25
N GLU C 287 -17.34 -2.05 -19.97
CA GLU C 287 -16.10 -2.47 -20.59
C GLU C 287 -15.45 -3.59 -19.80
N VAL C 288 -14.84 -4.54 -20.51
CA VAL C 288 -13.89 -5.46 -19.93
C VAL C 288 -12.59 -5.25 -20.69
N CYS C 289 -11.48 -5.14 -19.96
CA CYS C 289 -10.22 -4.84 -20.64
C CYS C 289 -9.08 -5.57 -19.99
N VAL C 290 -8.12 -5.95 -20.83
CA VAL C 290 -6.88 -6.57 -20.43
C VAL C 290 -5.82 -5.48 -20.33
N ILE C 291 -5.18 -5.38 -19.17
CA ILE C 291 -4.15 -4.37 -18.91
C ILE C 291 -2.85 -5.09 -18.57
N ARG C 292 -1.78 -4.72 -19.25
CA ARG C 292 -0.46 -5.23 -18.92
C ARG C 292 0.25 -4.24 -18.03
N GLY C 293 0.77 -4.72 -16.91
CA GLY C 293 1.68 -3.93 -16.08
C GLY C 293 3.10 -4.32 -16.39
N ARG C 294 3.91 -3.32 -16.74
CA ARG C 294 5.34 -3.51 -17.03
C ARG C 294 6.18 -2.78 -15.98
N PRO C 295 7.15 -3.44 -15.36
CA PRO C 295 8.01 -2.73 -14.40
C PRO C 295 8.93 -1.77 -15.14
N ALA C 296 9.41 -0.75 -14.42
CA ALA C 296 10.27 0.31 -14.99
C ALA C 296 11.36 -0.21 -15.93
#